data_8TR1
#
_entry.id   8TR1
#
_cell.length_a   56.862
_cell.length_b   88.278
_cell.length_c   94.314
_cell.angle_alpha   90.000
_cell.angle_beta   106.050
_cell.angle_gamma   90.000
#
_symmetry.space_group_name_H-M   'P 1 21 1'
#
loop_
_entity.id
_entity.type
_entity.pdbx_description
1 polymer 'Hypoxanthine-guanine phosphoribosyltransferase'
2 non-polymer '(3-{(2S,4R)-4-(2-amino-6-oxo-1,6-dihydro-9H-purin-9-yl)-2-[(2-phosphonoethoxy)methyl]pyrrolidin-1-yl}-3-oxopropyl)phosphonic acid'
3 water water
#
_entity_poly.entity_id   1
_entity_poly.type   'polypeptide(L)'
_entity_poly.pdbx_seq_one_letter_code
;ACKYDFATSVLFTEAELHTRMRGVAQRIADDYSNCNLKPLENPLVIVSVLKGSFVFTADMVRILGDFGVPTRVEFLRASS
YGHDTKSCGRVDVKADGLCDIRGKHVLVLEDILDTALTLREVVDSLKKSEPASIKTLVAIDKPGGRKIPFTAEYVVADVP
NVFVVGYGLDYDQSYREVRDVVILKPSVYETWGKELERRKA
;
_entity_poly.pdbx_strand_id   A,B,C,D
#
loop_
_chem_comp.id
_chem_comp.type
_chem_comp.name
_chem_comp.formula
JEI non-polymer '(3-{(2S,4R)-4-(2-amino-6-oxo-1,6-dihydro-9H-purin-9-yl)-2-[(2-phosphonoethoxy)methyl]pyrrolidin-1-yl}-3-oxopropyl)phosphonic acid' 'C15 H24 N6 O9 P2'
#
# COMPACT_ATOMS: atom_id res chain seq x y z
N ALA A 1 -15.40 -36.02 -25.18
CA ALA A 1 -14.13 -35.58 -24.61
C ALA A 1 -14.29 -34.24 -23.91
N CYS A 2 -14.58 -34.30 -22.62
CA CYS A 2 -14.82 -33.11 -21.81
C CYS A 2 -13.58 -32.76 -21.00
N LYS A 3 -13.34 -31.46 -20.83
CA LYS A 3 -12.27 -30.99 -19.97
C LYS A 3 -12.63 -31.08 -18.49
N TYR A 4 -13.90 -31.33 -18.17
CA TYR A 4 -14.36 -31.47 -16.79
C TYR A 4 -14.76 -32.91 -16.54
N ASP A 5 -14.11 -33.54 -15.57
CA ASP A 5 -14.41 -34.94 -15.26
C ASP A 5 -15.81 -35.13 -14.70
N PHE A 6 -16.46 -34.06 -14.24
CA PHE A 6 -17.78 -34.12 -13.64
C PHE A 6 -18.89 -33.75 -14.61
N ALA A 7 -18.57 -33.33 -15.83
CA ALA A 7 -19.55 -32.87 -16.80
C ALA A 7 -19.50 -33.72 -18.06
N THR A 8 -20.67 -33.89 -18.68
CA THR A 8 -20.73 -34.58 -19.97
C THR A 8 -20.34 -33.66 -21.11
N SER A 9 -20.68 -32.38 -21.01
CA SER A 9 -20.46 -31.45 -22.10
C SER A 9 -20.43 -30.04 -21.56
N VAL A 10 -19.72 -29.16 -22.28
CA VAL A 10 -19.63 -27.75 -21.96
C VAL A 10 -20.52 -26.99 -22.93
N LEU A 11 -21.47 -26.22 -22.39
CA LEU A 11 -22.45 -25.53 -23.23
C LEU A 11 -21.97 -24.14 -23.65
N PHE A 12 -21.52 -23.33 -22.69
CA PHE A 12 -21.06 -21.97 -22.99
C PHE A 12 -19.85 -21.66 -22.14
N THR A 13 -18.74 -21.29 -22.79
CA THR A 13 -17.54 -20.91 -22.06
C THR A 13 -17.69 -19.54 -21.43
N GLU A 14 -16.81 -19.27 -20.46
CA GLU A 14 -16.72 -17.94 -19.88
C GLU A 14 -16.60 -16.86 -20.95
N ALA A 15 -15.72 -17.09 -21.93
CA ALA A 15 -15.54 -16.12 -23.01
C ALA A 15 -16.82 -15.95 -23.82
N GLU A 16 -17.45 -17.06 -24.22
CA GLU A 16 -18.71 -16.96 -24.96
C GLU A 16 -19.78 -16.25 -24.15
N LEU A 17 -19.89 -16.57 -22.87
CA LEU A 17 -20.81 -15.85 -21.99
C LEU A 17 -20.52 -14.35 -22.01
N HIS A 18 -19.24 -13.99 -21.96
CA HIS A 18 -18.90 -12.57 -21.94
C HIS A 18 -19.16 -11.91 -23.28
N THR A 19 -18.82 -12.58 -24.38
CA THR A 19 -19.14 -12.05 -25.70
C THR A 19 -20.63 -11.75 -25.82
N ARG A 20 -21.47 -12.70 -25.40
CA ARG A 20 -22.90 -12.45 -25.38
C ARG A 20 -23.25 -11.30 -24.45
N MET A 21 -22.68 -11.30 -23.24
CA MET A 21 -22.95 -10.22 -22.30
C MET A 21 -22.54 -8.87 -22.85
N ARG A 22 -21.53 -8.85 -23.74
CA ARG A 22 -21.15 -7.60 -24.39
C ARG A 22 -22.25 -7.12 -25.35
N GLY A 23 -22.77 -8.03 -26.16
CA GLY A 23 -23.89 -7.67 -27.03
C GLY A 23 -25.09 -7.18 -26.26
N VAL A 24 -25.44 -7.88 -25.17
CA VAL A 24 -26.55 -7.44 -24.32
C VAL A 24 -26.26 -6.06 -23.75
N ALA A 25 -25.03 -5.85 -23.26
CA ALA A 25 -24.67 -4.57 -22.66
C ALA A 25 -24.84 -3.41 -23.64
N GLN A 26 -24.54 -3.63 -24.91
CA GLN A 26 -24.77 -2.59 -25.90
C GLN A 26 -26.25 -2.26 -26.02
N ARG A 27 -27.10 -3.29 -26.05
CA ARG A 27 -28.54 -3.05 -26.15
C ARG A 27 -29.04 -2.24 -24.96
N ILE A 28 -28.62 -2.61 -23.75
CA ILE A 28 -29.05 -1.89 -22.55
C ILE A 28 -28.64 -0.42 -22.64
N ALA A 29 -27.42 -0.16 -23.08
CA ALA A 29 -26.97 1.22 -23.24
C ALA A 29 -27.91 2.00 -24.16
N ASP A 30 -28.19 1.44 -25.34
CA ASP A 30 -29.11 2.10 -26.26
C ASP A 30 -30.50 2.25 -25.64
N ASP A 31 -30.98 1.21 -24.96
CA ASP A 31 -32.34 1.24 -24.43
C ASP A 31 -32.48 2.31 -23.34
N TYR A 32 -31.45 2.49 -22.52
CA TYR A 32 -31.47 3.46 -21.44
C TYR A 32 -30.75 4.76 -21.79
N SER A 33 -30.46 4.97 -23.08
CA SER A 33 -29.73 6.17 -23.48
C SER A 33 -30.51 7.45 -23.18
N ASN A 34 -31.84 7.36 -23.11
CA ASN A 34 -32.67 8.52 -22.83
C ASN A 34 -32.97 8.68 -21.34
N CYS A 35 -32.34 7.88 -20.47
CA CYS A 35 -32.64 7.89 -19.05
C CYS A 35 -31.62 8.66 -18.22
N ASN A 36 -30.52 9.12 -18.81
CA ASN A 36 -29.54 9.95 -18.12
C ASN A 36 -28.98 9.22 -16.90
N LEU A 37 -28.62 7.96 -17.08
CA LEU A 37 -28.06 7.18 -15.98
C LEU A 37 -26.74 7.77 -15.53
N LYS A 38 -26.63 8.06 -14.23
CA LYS A 38 -25.48 8.73 -13.66
C LYS A 38 -25.18 8.17 -12.28
N PRO A 39 -23.91 7.95 -11.95
CA PRO A 39 -23.56 7.48 -10.61
C PRO A 39 -24.12 8.41 -9.53
N LEU A 40 -24.56 7.81 -8.43
CA LEU A 40 -25.09 8.55 -7.30
C LEU A 40 -26.45 9.16 -7.61
N GLU A 41 -26.52 10.03 -8.61
CA GLU A 41 -27.77 10.74 -8.89
C GLU A 41 -28.84 9.80 -9.42
N ASN A 42 -28.54 9.06 -10.48
CA ASN A 42 -29.54 8.22 -11.12
C ASN A 42 -28.92 6.95 -11.66
N PRO A 43 -28.39 6.08 -10.81
CA PRO A 43 -27.85 4.80 -11.29
C PRO A 43 -28.97 3.82 -11.61
N LEU A 44 -28.66 2.91 -12.53
CA LEU A 44 -29.58 1.81 -12.82
C LEU A 44 -29.53 0.81 -11.67
N VAL A 45 -30.65 0.67 -10.96
CA VAL A 45 -30.70 -0.18 -9.77
C VAL A 45 -30.73 -1.63 -10.20
N ILE A 46 -29.69 -2.38 -9.83
CA ILE A 46 -29.54 -3.78 -10.19
C ILE A 46 -30.06 -4.63 -9.04
N VAL A 47 -31.11 -5.41 -9.29
CA VAL A 47 -31.68 -6.31 -8.30
C VAL A 47 -31.23 -7.72 -8.67
N SER A 48 -30.28 -8.26 -7.90
CA SER A 48 -29.73 -9.57 -8.16
C SER A 48 -30.49 -10.61 -7.33
N VAL A 49 -31.20 -11.51 -8.00
CA VAL A 49 -32.04 -12.51 -7.34
C VAL A 49 -31.37 -13.87 -7.46
N LEU A 50 -31.47 -14.65 -6.39
CA LEU A 50 -30.92 -16.01 -6.32
C LEU A 50 -29.47 -15.99 -5.84
N LYS A 51 -29.13 -16.91 -4.93
CA LYS A 51 -27.80 -16.91 -4.32
C LYS A 51 -26.71 -16.99 -5.38
N GLY A 52 -26.82 -17.95 -6.31
CA GLY A 52 -25.76 -18.15 -7.28
C GLY A 52 -25.61 -17.04 -8.30
N SER A 53 -26.50 -16.05 -8.29
CA SER A 53 -26.48 -14.98 -9.27
C SER A 53 -25.39 -13.94 -9.01
N PHE A 54 -24.58 -14.09 -7.95
CA PHE A 54 -23.52 -13.12 -7.70
C PHE A 54 -22.45 -13.16 -8.78
N VAL A 55 -22.19 -14.35 -9.35
CA VAL A 55 -21.18 -14.45 -10.40
C VAL A 55 -21.61 -13.64 -11.62
N PHE A 56 -22.81 -13.91 -12.12
CA PHE A 56 -23.31 -13.17 -13.28
C PHE A 56 -23.42 -11.69 -12.97
N THR A 57 -23.84 -11.34 -11.76
CA THR A 57 -23.98 -9.94 -11.38
C THR A 57 -22.63 -9.24 -11.36
N ALA A 58 -21.63 -9.88 -10.76
CA ALA A 58 -20.29 -9.29 -10.71
C ALA A 58 -19.76 -9.01 -12.11
N ASP A 59 -19.96 -9.95 -13.04
CA ASP A 59 -19.48 -9.75 -14.41
C ASP A 59 -20.35 -8.78 -15.18
N MET A 60 -21.66 -8.80 -14.94
CA MET A 60 -22.58 -7.98 -15.74
C MET A 60 -22.45 -6.50 -15.40
N VAL A 61 -22.42 -6.16 -14.11
CA VAL A 61 -22.26 -4.76 -13.73
C VAL A 61 -20.97 -4.21 -14.30
N ARG A 62 -19.90 -5.02 -14.30
CA ARG A 62 -18.63 -4.56 -14.82
C ARG A 62 -18.69 -4.33 -16.32
N ILE A 63 -19.27 -5.27 -17.06
CA ILE A 63 -19.44 -5.08 -18.51
C ILE A 63 -20.32 -3.87 -18.78
N LEU A 64 -21.43 -3.76 -18.06
CA LEU A 64 -22.30 -2.60 -18.20
C LEU A 64 -21.52 -1.31 -17.98
N GLY A 65 -20.68 -1.28 -16.93
CA GLY A 65 -19.85 -0.11 -16.71
C GLY A 65 -18.97 0.23 -17.89
N ASP A 66 -18.47 -0.80 -18.58
CA ASP A 66 -17.68 -0.57 -19.78
C ASP A 66 -18.46 0.21 -20.83
N PHE A 67 -19.78 -0.03 -20.92
CA PHE A 67 -20.62 0.58 -21.93
C PHE A 67 -21.34 1.81 -21.43
N GLY A 68 -20.87 2.41 -20.35
CA GLY A 68 -21.45 3.65 -19.86
C GLY A 68 -22.72 3.48 -19.05
N VAL A 69 -22.94 2.31 -18.47
CA VAL A 69 -24.13 2.07 -17.65
C VAL A 69 -23.70 2.00 -16.19
N PRO A 70 -23.80 3.09 -15.43
CA PRO A 70 -23.50 3.02 -14.00
C PRO A 70 -24.65 2.39 -13.23
N THR A 71 -24.30 1.56 -12.26
CA THR A 71 -25.28 0.75 -11.54
C THR A 71 -25.05 0.83 -10.04
N ARG A 72 -26.10 0.49 -9.30
CA ARG A 72 -26.02 0.11 -7.90
C ARG A 72 -26.78 -1.19 -7.73
N VAL A 73 -26.28 -2.05 -6.84
CA VAL A 73 -26.75 -3.43 -6.75
C VAL A 73 -27.41 -3.68 -5.41
N GLU A 74 -28.52 -4.43 -5.45
CA GLU A 74 -29.18 -4.95 -4.27
C GLU A 74 -29.31 -6.46 -4.42
N PHE A 75 -29.48 -7.15 -3.30
CA PHE A 75 -29.47 -8.60 -3.31
C PHE A 75 -30.71 -9.16 -2.64
N LEU A 76 -31.25 -10.22 -3.21
CA LEU A 76 -32.47 -10.87 -2.75
C LEU A 76 -32.24 -12.38 -2.74
N ARG A 77 -31.82 -12.93 -1.60
CA ARG A 77 -31.71 -14.37 -1.45
C ARG A 77 -32.25 -14.84 -0.10
N CYS A 99 -34.35 -1.17 -0.57
CA CYS A 99 -33.97 0.23 -0.77
C CYS A 99 -35.06 1.00 -1.52
N ASP A 100 -34.82 2.29 -1.70
CA ASP A 100 -35.77 3.15 -2.41
C ASP A 100 -35.68 2.90 -3.90
N ILE A 101 -36.77 2.45 -4.50
CA ILE A 101 -36.83 2.20 -5.94
C ILE A 101 -37.83 3.09 -6.66
N ARG A 102 -38.65 3.85 -5.94
CA ARG A 102 -39.61 4.74 -6.57
C ARG A 102 -38.91 5.72 -7.50
N GLY A 103 -39.41 5.81 -8.74
CA GLY A 103 -38.86 6.71 -9.73
C GLY A 103 -37.51 6.30 -10.30
N LYS A 104 -36.97 5.16 -9.89
CA LYS A 104 -35.69 4.69 -10.38
C LYS A 104 -35.89 3.57 -11.40
N HIS A 105 -34.87 3.37 -12.24
CA HIS A 105 -34.89 2.33 -13.25
C HIS A 105 -34.30 1.06 -12.66
N VAL A 106 -35.08 -0.02 -12.69
CA VAL A 106 -34.71 -1.28 -12.05
C VAL A 106 -34.46 -2.32 -13.14
N LEU A 107 -33.31 -2.99 -13.06
CA LEU A 107 -32.98 -4.13 -13.92
C LEU A 107 -32.78 -5.34 -13.02
N VAL A 108 -33.74 -6.26 -13.04
CA VAL A 108 -33.64 -7.49 -12.27
C VAL A 108 -32.71 -8.45 -12.98
N LEU A 109 -31.77 -9.04 -12.24
CA LEU A 109 -30.79 -9.95 -12.78
C LEU A 109 -30.94 -11.31 -12.10
N GLU A 110 -30.85 -12.37 -12.91
CA GLU A 110 -30.99 -13.73 -12.42
C GLU A 110 -30.16 -14.66 -13.31
N ASP A 111 -29.45 -15.60 -12.67
CA ASP A 111 -28.55 -16.46 -13.44
C ASP A 111 -29.33 -17.46 -14.28
N ILE A 112 -30.46 -17.97 -13.77
CA ILE A 112 -31.25 -18.97 -14.47
C ILE A 112 -32.72 -18.58 -14.38
N LEU A 113 -33.44 -18.74 -15.49
CA LEU A 113 -34.88 -18.51 -15.55
C LEU A 113 -35.55 -19.76 -16.10
N ASP A 114 -36.46 -20.33 -15.31
CA ASP A 114 -37.00 -21.65 -15.64
C ASP A 114 -38.52 -21.67 -15.52
N THR A 115 -39.03 -22.07 -14.36
CA THR A 115 -40.47 -22.03 -14.14
C THR A 115 -41.00 -20.60 -14.18
N ALA A 116 -40.15 -19.62 -13.91
CA ALA A 116 -40.45 -18.20 -13.89
C ALA A 116 -41.17 -17.79 -12.60
N LEU A 117 -41.35 -18.70 -11.64
CA LEU A 117 -42.13 -18.38 -10.44
C LEU A 117 -41.40 -17.35 -9.57
N THR A 118 -40.09 -17.47 -9.45
CA THR A 118 -39.34 -16.50 -8.66
C THR A 118 -39.37 -15.12 -9.32
N LEU A 119 -39.08 -15.07 -10.63
CA LEU A 119 -39.00 -13.77 -11.31
C LEU A 119 -40.36 -13.09 -11.33
N ARG A 120 -41.44 -13.86 -11.48
CA ARG A 120 -42.77 -13.26 -11.47
C ARG A 120 -43.08 -12.61 -10.13
N GLU A 121 -42.80 -13.32 -9.03
CA GLU A 121 -43.00 -12.78 -7.70
C GLU A 121 -42.23 -11.47 -7.53
N VAL A 122 -40.94 -11.50 -7.84
CA VAL A 122 -40.08 -10.35 -7.59
C VAL A 122 -40.52 -9.14 -8.41
N VAL A 123 -40.75 -9.36 -9.71
CA VAL A 123 -41.08 -8.25 -10.59
C VAL A 123 -42.38 -7.59 -10.17
N ASP A 124 -43.40 -8.39 -9.85
CA ASP A 124 -44.70 -7.83 -9.48
C ASP A 124 -44.68 -7.24 -8.07
N SER A 125 -43.91 -7.83 -7.16
CA SER A 125 -43.69 -7.19 -5.86
C SER A 125 -42.96 -5.86 -6.02
N LEU A 126 -42.05 -5.77 -7.00
CA LEU A 126 -41.30 -4.55 -7.22
C LEU A 126 -42.12 -3.48 -7.92
N LYS A 127 -43.10 -3.88 -8.74
CA LYS A 127 -43.94 -2.89 -9.41
C LYS A 127 -44.78 -2.09 -8.43
N LYS A 128 -45.04 -2.65 -7.24
CA LYS A 128 -45.81 -1.92 -6.23
C LYS A 128 -45.10 -0.66 -5.77
N SER A 129 -43.77 -0.68 -5.75
CA SER A 129 -43.00 0.52 -5.39
C SER A 129 -43.01 1.57 -6.49
N GLU A 130 -43.56 1.26 -7.66
CA GLU A 130 -43.70 2.21 -8.76
C GLU A 130 -42.34 2.75 -9.19
N PRO A 131 -41.45 1.91 -9.70
CA PRO A 131 -40.18 2.41 -10.24
C PRO A 131 -40.39 3.12 -11.56
N ALA A 132 -39.35 3.85 -11.99
CA ALA A 132 -39.42 4.53 -13.28
C ALA A 132 -39.68 3.54 -14.41
N SER A 133 -39.12 2.34 -14.30
CA SER A 133 -39.37 1.25 -15.23
C SER A 133 -38.78 -0.01 -14.60
N ILE A 134 -38.98 -1.15 -15.25
CA ILE A 134 -38.44 -2.39 -14.74
C ILE A 134 -38.33 -3.41 -15.86
N LYS A 135 -37.16 -4.05 -15.97
CA LYS A 135 -36.92 -5.10 -16.93
C LYS A 135 -36.12 -6.20 -16.23
N THR A 136 -35.83 -7.27 -16.96
CA THR A 136 -35.12 -8.40 -16.39
C THR A 136 -34.03 -8.85 -17.35
N LEU A 137 -32.95 -9.39 -16.78
CA LEU A 137 -31.84 -9.93 -17.55
C LEU A 137 -31.40 -11.23 -16.89
N VAL A 138 -31.45 -12.33 -17.64
CA VAL A 138 -31.08 -13.64 -17.15
C VAL A 138 -29.91 -14.16 -17.98
N ALA A 139 -28.99 -14.87 -17.32
CA ALA A 139 -27.87 -15.48 -18.01
C ALA A 139 -28.30 -16.74 -18.76
N ILE A 140 -29.02 -17.62 -18.09
CA ILE A 140 -29.53 -18.86 -18.67
C ILE A 140 -31.05 -18.82 -18.64
N ASP A 141 -31.67 -18.95 -19.79
CA ASP A 141 -33.11 -19.02 -19.91
C ASP A 141 -33.50 -20.40 -20.41
N LYS A 142 -34.26 -21.14 -19.61
CA LYS A 142 -34.85 -22.37 -20.08
C LYS A 142 -36.23 -22.06 -20.63
N PRO A 143 -36.34 -21.77 -21.93
CA PRO A 143 -37.65 -21.36 -22.47
C PRO A 143 -38.75 -22.37 -22.23
N GLY A 144 -38.42 -23.65 -22.16
CA GLY A 144 -39.40 -24.70 -22.02
C GLY A 144 -39.74 -25.13 -20.61
N GLY A 145 -39.23 -24.45 -19.59
CA GLY A 145 -39.50 -24.86 -18.23
C GLY A 145 -40.59 -24.09 -17.52
N ARG A 146 -41.19 -23.12 -18.20
CA ARG A 146 -42.13 -22.22 -17.55
C ARG A 146 -43.29 -22.99 -16.91
N LYS A 147 -43.64 -22.59 -15.69
CA LYS A 147 -44.93 -22.92 -15.09
C LYS A 147 -45.97 -21.84 -15.32
N ILE A 148 -45.52 -20.60 -15.56
CA ILE A 148 -46.38 -19.50 -15.98
C ILE A 148 -45.70 -18.81 -17.16
N PRO A 149 -46.45 -18.02 -17.92
CA PRO A 149 -45.84 -17.28 -19.04
C PRO A 149 -44.95 -16.16 -18.51
N PHE A 150 -43.78 -16.02 -19.13
CA PHE A 150 -42.85 -14.95 -18.79
C PHE A 150 -41.73 -14.88 -19.81
N THR A 151 -41.44 -13.67 -20.28
CA THR A 151 -40.34 -13.43 -21.21
C THR A 151 -39.39 -12.41 -20.58
N ALA A 152 -38.11 -12.74 -20.58
CA ALA A 152 -37.10 -11.81 -20.10
C ALA A 152 -36.75 -10.81 -21.18
N GLU A 153 -36.55 -9.55 -20.78
CA GLU A 153 -36.20 -8.51 -21.74
C GLU A 153 -34.85 -8.79 -22.38
N TYR A 154 -33.90 -9.34 -21.61
CA TYR A 154 -32.58 -9.69 -22.12
C TYR A 154 -32.22 -11.09 -21.66
N VAL A 155 -31.73 -11.91 -22.59
CA VAL A 155 -31.30 -13.27 -22.30
C VAL A 155 -29.94 -13.47 -22.93
N VAL A 156 -28.96 -13.88 -22.11
CA VAL A 156 -27.62 -14.11 -22.63
C VAL A 156 -27.58 -15.38 -23.47
N ALA A 157 -28.26 -16.43 -23.01
CA ALA A 157 -28.24 -17.70 -23.74
C ALA A 157 -29.36 -18.60 -23.23
N ASP A 158 -29.92 -19.37 -24.14
CA ASP A 158 -30.94 -20.36 -23.82
C ASP A 158 -30.31 -21.72 -23.56
N VAL A 159 -31.01 -22.53 -22.78
CA VAL A 159 -30.59 -23.90 -22.53
C VAL A 159 -31.82 -24.80 -22.52
N PRO A 160 -31.75 -26.02 -23.07
CA PRO A 160 -32.93 -26.86 -23.11
C PRO A 160 -33.16 -27.64 -21.82
N ASN A 161 -33.92 -28.72 -21.88
CA ASN A 161 -34.22 -29.52 -20.71
C ASN A 161 -33.00 -30.33 -20.26
N VAL A 162 -32.03 -29.65 -19.67
CA VAL A 162 -30.79 -30.29 -19.23
C VAL A 162 -30.32 -29.61 -17.95
N PHE A 163 -29.78 -30.40 -17.03
CA PHE A 163 -29.27 -29.87 -15.77
C PHE A 163 -27.83 -29.40 -15.96
N VAL A 164 -27.59 -28.11 -15.75
CA VAL A 164 -26.29 -27.50 -15.97
C VAL A 164 -25.75 -26.97 -14.64
N VAL A 165 -24.46 -26.68 -14.62
CA VAL A 165 -23.80 -26.03 -13.50
C VAL A 165 -22.72 -25.12 -14.06
N GLY A 166 -22.19 -24.25 -13.19
CA GLY A 166 -21.18 -23.31 -13.58
C GLY A 166 -21.73 -21.89 -13.67
N TYR A 167 -20.79 -20.94 -13.76
CA TYR A 167 -21.10 -19.52 -13.82
C TYR A 167 -22.06 -19.11 -12.71
N GLY A 168 -21.96 -19.76 -11.56
CA GLY A 168 -22.79 -19.48 -10.41
C GLY A 168 -23.89 -20.49 -10.17
N LEU A 169 -24.25 -21.27 -11.18
CA LEU A 169 -25.26 -22.31 -11.01
C LEU A 169 -24.65 -23.51 -10.28
N ASP A 170 -25.33 -23.96 -9.24
CA ASP A 170 -24.81 -24.98 -8.33
C ASP A 170 -25.56 -26.29 -8.48
N TYR A 171 -24.91 -27.36 -8.04
CA TYR A 171 -25.59 -28.60 -7.67
C TYR A 171 -25.34 -28.82 -6.19
N ASP A 172 -26.38 -28.59 -5.38
CA ASP A 172 -26.29 -28.71 -3.93
C ASP A 172 -25.13 -27.88 -3.37
N GLN A 173 -25.09 -26.62 -3.79
CA GLN A 173 -24.16 -25.60 -3.34
C GLN A 173 -22.78 -25.75 -3.97
N SER A 174 -22.48 -26.86 -4.63
CA SER A 174 -21.17 -27.06 -5.24
C SER A 174 -21.19 -26.61 -6.70
N TYR A 175 -19.99 -26.50 -7.26
CA TYR A 175 -19.75 -26.30 -8.69
C TYR A 175 -20.08 -24.89 -9.18
N ARG A 176 -20.51 -23.98 -8.29
CA ARG A 176 -20.77 -22.61 -8.72
C ARG A 176 -19.53 -21.99 -9.35
N GLU A 177 -18.34 -22.40 -8.92
CA GLU A 177 -17.10 -21.77 -9.35
C GLU A 177 -16.64 -22.20 -10.74
N VAL A 178 -17.32 -23.16 -11.38
CA VAL A 178 -16.92 -23.58 -12.71
C VAL A 178 -17.14 -22.43 -13.68
N ARG A 179 -16.08 -22.04 -14.39
CA ARG A 179 -16.13 -20.83 -15.21
C ARG A 179 -17.09 -20.95 -16.39
N ASP A 180 -17.48 -22.16 -16.75
CA ASP A 180 -18.36 -22.39 -17.89
C ASP A 180 -19.66 -23.06 -17.44
N VAL A 181 -20.68 -22.90 -18.25
CA VAL A 181 -21.98 -23.55 -18.03
C VAL A 181 -21.91 -24.94 -18.64
N VAL A 182 -21.88 -25.97 -17.79
CA VAL A 182 -21.69 -27.34 -18.25
C VAL A 182 -22.86 -28.20 -17.81
N ILE A 183 -23.08 -29.28 -18.56
CA ILE A 183 -24.05 -30.31 -18.20
C ILE A 183 -23.37 -31.27 -17.23
N LEU A 184 -23.96 -31.45 -16.05
CA LEU A 184 -23.36 -32.23 -14.99
C LEU A 184 -23.60 -33.72 -15.22
N LYS A 185 -22.54 -34.52 -15.10
CA LYS A 185 -22.65 -35.95 -15.34
C LYS A 185 -23.75 -36.56 -14.48
N PRO A 186 -24.60 -37.42 -15.04
CA PRO A 186 -25.67 -38.00 -14.22
C PRO A 186 -25.16 -38.76 -13.01
N SER A 187 -24.05 -39.47 -13.13
CA SER A 187 -23.53 -40.23 -12.00
C SER A 187 -23.33 -39.36 -10.76
N VAL A 188 -23.00 -38.08 -10.95
CA VAL A 188 -22.74 -37.20 -9.82
C VAL A 188 -24.01 -37.03 -8.99
N TYR A 189 -25.10 -36.59 -9.62
CA TYR A 189 -26.32 -36.35 -8.88
C TYR A 189 -27.17 -37.59 -8.67
N GLU A 190 -26.94 -38.67 -9.43
CA GLU A 190 -27.53 -39.95 -9.04
C GLU A 190 -26.86 -40.50 -7.79
N THR A 191 -25.57 -40.23 -7.60
CA THR A 191 -24.85 -40.69 -6.42
C THR A 191 -25.13 -39.81 -5.22
N TRP A 192 -25.11 -38.48 -5.40
CA TRP A 192 -25.25 -37.59 -4.27
C TRP A 192 -26.66 -37.62 -3.69
N GLY A 193 -27.68 -37.84 -4.53
CA GLY A 193 -29.02 -37.95 -4.02
C GLY A 193 -29.18 -39.13 -3.07
N LYS A 194 -28.67 -40.30 -3.47
CA LYS A 194 -28.70 -41.47 -2.61
C LYS A 194 -27.88 -41.26 -1.35
N GLU A 195 -26.91 -40.34 -1.37
CA GLU A 195 -26.17 -40.00 -0.16
C GLU A 195 -26.96 -39.02 0.71
N LEU A 196 -27.67 -38.08 0.07
CA LEU A 196 -28.54 -37.18 0.83
C LEU A 196 -29.65 -37.95 1.54
N GLU A 197 -30.01 -39.12 1.01
CA GLU A 197 -30.96 -40.01 1.68
C GLU A 197 -30.27 -40.66 2.87
N ARG A 198 -30.39 -40.04 4.05
CA ARG A 198 -29.67 -40.52 5.22
C ARG A 198 -30.60 -41.30 6.15
N ARG A 199 -31.41 -40.60 6.95
CA ARG A 199 -32.31 -41.22 7.91
C ARG A 199 -31.64 -42.35 8.68
N CYS B 2 -5.10 9.66 -14.80
CA CYS B 2 -6.20 8.76 -14.51
C CYS B 2 -7.25 8.75 -15.61
N LYS B 3 -7.57 7.55 -16.10
CA LYS B 3 -8.57 7.42 -17.15
C LYS B 3 -9.98 7.72 -16.65
N TYR B 4 -10.19 7.73 -15.34
CA TYR B 4 -11.50 7.98 -14.76
C TYR B 4 -11.62 9.45 -14.36
N ASP B 5 -12.72 10.08 -14.80
CA ASP B 5 -12.98 11.48 -14.46
C ASP B 5 -13.45 11.67 -13.04
N PHE B 6 -13.71 10.58 -12.29
CA PHE B 6 -14.11 10.64 -10.90
C PHE B 6 -13.02 10.16 -9.96
N ALA B 7 -11.78 10.09 -10.44
CA ALA B 7 -10.66 9.55 -9.67
C ALA B 7 -9.42 10.38 -9.94
N THR B 8 -8.54 10.44 -8.93
CA THR B 8 -7.24 11.08 -9.07
C THR B 8 -6.12 10.09 -9.35
N SER B 9 -6.32 8.81 -9.05
CA SER B 9 -5.27 7.82 -9.23
C SER B 9 -5.90 6.43 -9.35
N VAL B 10 -5.28 5.58 -10.17
CA VAL B 10 -5.59 4.16 -10.21
C VAL B 10 -4.57 3.44 -9.34
N LEU B 11 -5.05 2.82 -8.26
CA LEU B 11 -4.13 2.19 -7.32
C LEU B 11 -3.80 0.77 -7.74
N PHE B 12 -4.81 -0.01 -8.11
CA PHE B 12 -4.62 -1.37 -8.58
C PHE B 12 -5.56 -1.65 -9.74
N THR B 13 -5.01 -2.15 -10.83
CA THR B 13 -5.83 -2.51 -11.97
C THR B 13 -6.45 -3.89 -11.76
N GLU B 14 -7.48 -4.16 -12.56
CA GLU B 14 -8.10 -5.48 -12.56
C GLU B 14 -7.07 -6.58 -12.80
N ALA B 15 -6.13 -6.33 -13.71
CA ALA B 15 -5.11 -7.33 -14.00
C ALA B 15 -4.15 -7.50 -12.84
N GLU B 16 -3.76 -6.40 -12.19
CA GLU B 16 -2.90 -6.50 -11.01
C GLU B 16 -3.58 -7.32 -9.92
N LEU B 17 -4.84 -7.00 -9.61
CA LEU B 17 -5.55 -7.74 -8.58
C LEU B 17 -5.60 -9.23 -8.90
N HIS B 18 -5.99 -9.56 -10.14
CA HIS B 18 -6.08 -10.97 -10.52
C HIS B 18 -4.72 -11.65 -10.46
N THR B 19 -3.66 -10.94 -10.87
CA THR B 19 -2.32 -11.49 -10.70
C THR B 19 -2.05 -11.81 -9.24
N ARG B 20 -2.29 -10.86 -8.35
CA ARG B 20 -2.07 -11.10 -6.92
C ARG B 20 -2.95 -12.23 -6.42
N MET B 21 -4.23 -12.23 -6.79
CA MET B 21 -5.14 -13.27 -6.33
C MET B 21 -4.69 -14.66 -6.77
N ARG B 22 -3.97 -14.75 -7.89
CA ARG B 22 -3.43 -16.04 -8.30
C ARG B 22 -2.31 -16.49 -7.37
N GLY B 23 -1.45 -15.55 -6.95
CA GLY B 23 -0.43 -15.89 -5.96
C GLY B 23 -1.03 -16.39 -4.67
N VAL B 24 -2.17 -15.82 -4.28
CA VAL B 24 -2.85 -16.26 -3.06
C VAL B 24 -3.51 -17.61 -3.26
N ALA B 25 -4.11 -17.82 -4.44
CA ALA B 25 -4.74 -19.11 -4.72
C ALA B 25 -3.72 -20.24 -4.68
N GLN B 26 -2.48 -19.97 -5.09
CA GLN B 26 -1.45 -21.01 -5.02
C GLN B 26 -1.09 -21.33 -3.57
N ARG B 27 -1.04 -20.31 -2.73
CA ARG B 27 -0.79 -20.54 -1.31
CA ARG B 27 -0.78 -20.55 -1.31
C ARG B 27 -1.92 -21.33 -0.66
N ILE B 28 -3.17 -20.99 -1.01
CA ILE B 28 -4.32 -21.70 -0.46
C ILE B 28 -4.27 -23.17 -0.87
N ALA B 29 -4.05 -23.42 -2.16
CA ALA B 29 -4.01 -24.80 -2.65
C ALA B 29 -2.96 -25.61 -1.91
N ASP B 30 -1.73 -25.08 -1.81
CA ASP B 30 -0.70 -25.76 -1.05
C ASP B 30 -1.09 -25.86 0.43
N ASP B 31 -1.60 -24.76 0.99
CA ASP B 31 -1.93 -24.74 2.41
C ASP B 31 -2.92 -25.84 2.76
N TYR B 32 -3.98 -25.99 1.97
CA TYR B 32 -5.01 -26.99 2.21
C TYR B 32 -4.76 -28.29 1.46
N SER B 33 -3.52 -28.52 1.00
CA SER B 33 -3.25 -29.66 0.13
C SER B 33 -3.66 -30.99 0.76
N ASN B 34 -3.64 -31.08 2.10
CA ASN B 34 -3.95 -32.31 2.80
C ASN B 34 -5.28 -32.24 3.54
N CYS B 35 -6.17 -31.32 3.15
CA CYS B 35 -7.48 -31.22 3.75
C CYS B 35 -8.53 -32.08 3.04
N ASN B 36 -8.17 -32.72 1.92
CA ASN B 36 -9.08 -33.60 1.20
C ASN B 36 -10.31 -32.85 0.72
N LEU B 37 -10.10 -31.67 0.14
CA LEU B 37 -11.19 -30.85 -0.36
C LEU B 37 -11.75 -31.44 -1.64
N LYS B 38 -13.07 -31.58 -1.70
CA LYS B 38 -13.76 -32.18 -2.83
C LYS B 38 -15.15 -31.56 -2.90
N PRO B 39 -15.74 -31.45 -4.10
CA PRO B 39 -17.09 -30.90 -4.21
C PRO B 39 -18.12 -31.77 -3.50
N LEU B 40 -19.16 -31.13 -3.00
CA LEU B 40 -20.23 -31.81 -2.27
C LEU B 40 -19.71 -32.50 -1.02
N GLU B 41 -18.77 -33.44 -1.19
CA GLU B 41 -18.29 -34.20 -0.04
C GLU B 41 -17.65 -33.30 1.01
N ASN B 42 -16.76 -32.41 0.59
CA ASN B 42 -16.01 -31.61 1.55
C ASN B 42 -15.42 -30.38 0.90
N PRO B 43 -16.24 -29.43 0.45
CA PRO B 43 -15.71 -28.21 -0.16
C PRO B 43 -15.19 -27.24 0.88
N LEU B 44 -14.42 -26.27 0.41
CA LEU B 44 -13.98 -25.17 1.26
C LEU B 44 -15.15 -24.19 1.41
N VAL B 45 -15.60 -23.99 2.63
CA VAL B 45 -16.73 -23.11 2.88
C VAL B 45 -16.25 -21.66 2.77
N ILE B 46 -16.72 -20.95 1.75
CA ILE B 46 -16.40 -19.55 1.57
C ILE B 46 -17.52 -18.72 2.19
N VAL B 47 -17.16 -17.89 3.16
CA VAL B 47 -18.10 -17.03 3.86
C VAL B 47 -17.79 -15.59 3.44
N SER B 48 -18.61 -15.05 2.54
CA SER B 48 -18.40 -13.72 1.99
C SER B 48 -19.07 -12.68 2.88
N VAL B 49 -18.32 -11.64 3.25
CA VAL B 49 -18.79 -10.63 4.19
C VAL B 49 -18.82 -9.28 3.47
N LEU B 50 -19.90 -8.53 3.69
CA LEU B 50 -20.09 -7.20 3.12
C LEU B 50 -20.68 -7.28 1.72
N LYS B 51 -21.63 -6.37 1.43
CA LYS B 51 -22.33 -6.40 0.15
C LYS B 51 -21.35 -6.34 -1.03
N GLY B 52 -20.38 -5.44 -0.95
CA GLY B 52 -19.45 -5.25 -2.05
C GLY B 52 -18.53 -6.43 -2.31
N SER B 53 -18.38 -7.33 -1.33
CA SER B 53 -17.46 -8.45 -1.49
C SER B 53 -17.88 -9.41 -2.60
N PHE B 54 -19.05 -9.22 -3.21
CA PHE B 54 -19.53 -10.18 -4.19
C PHE B 54 -18.61 -10.21 -5.41
N VAL B 55 -18.13 -9.05 -5.86
CA VAL B 55 -17.22 -9.01 -6.99
C VAL B 55 -15.96 -9.81 -6.70
N PHE B 56 -15.29 -9.49 -5.59
CA PHE B 56 -14.08 -10.22 -5.21
C PHE B 56 -14.38 -11.70 -5.02
N THR B 57 -15.46 -12.02 -4.33
CA THR B 57 -15.81 -13.43 -4.09
C THR B 57 -16.03 -14.18 -5.39
N ALA B 58 -16.68 -13.53 -6.37
CA ALA B 58 -16.93 -14.18 -7.65
C ALA B 58 -15.63 -14.49 -8.38
N ASP B 59 -14.67 -13.55 -8.38
CA ASP B 59 -13.40 -13.80 -9.04
C ASP B 59 -12.52 -14.76 -8.24
N MET B 60 -12.49 -14.59 -6.92
CA MET B 60 -11.66 -15.43 -6.08
C MET B 60 -12.08 -16.90 -6.17
N VAL B 61 -13.39 -17.17 -6.05
CA VAL B 61 -13.86 -18.55 -6.04
C VAL B 61 -13.57 -19.22 -7.38
N ARG B 62 -13.69 -18.46 -8.48
CA ARG B 62 -13.36 -19.00 -9.79
C ARG B 62 -11.85 -19.25 -9.91
N ILE B 63 -11.04 -18.32 -9.41
CA ILE B 63 -9.60 -18.53 -9.41
C ILE B 63 -9.23 -19.70 -8.51
N LEU B 64 -9.94 -19.85 -7.38
CA LEU B 64 -9.68 -20.97 -6.49
C LEU B 64 -9.99 -22.30 -7.18
N GLY B 65 -11.11 -22.35 -7.91
CA GLY B 65 -11.40 -23.53 -8.71
C GLY B 65 -10.35 -23.80 -9.75
N ASP B 66 -9.75 -22.74 -10.31
CA ASP B 66 -8.65 -22.91 -11.25
C ASP B 66 -7.52 -23.72 -10.63
N PHE B 67 -7.17 -23.42 -9.37
CA PHE B 67 -6.10 -24.11 -8.66
C PHE B 67 -6.59 -25.33 -7.90
N GLY B 68 -7.67 -25.96 -8.35
CA GLY B 68 -8.12 -27.20 -7.76
C GLY B 68 -8.71 -27.09 -6.38
N VAL B 69 -9.22 -25.91 -6.03
CA VAL B 69 -9.82 -25.70 -4.71
C VAL B 69 -11.34 -25.61 -4.86
N PRO B 70 -12.07 -26.68 -4.59
CA PRO B 70 -13.54 -26.61 -4.66
C PRO B 70 -14.10 -25.84 -3.48
N THR B 71 -15.12 -25.02 -3.75
CA THR B 71 -15.66 -24.13 -2.75
C THR B 71 -17.17 -24.26 -2.65
N ARG B 72 -17.72 -23.56 -1.66
CA ARG B 72 -19.14 -23.46 -1.41
C ARG B 72 -19.34 -22.13 -0.70
N VAL B 73 -20.20 -21.27 -1.24
CA VAL B 73 -20.25 -19.88 -0.83
C VAL B 73 -21.45 -19.63 0.08
N GLU B 74 -21.20 -18.88 1.15
CA GLU B 74 -22.23 -18.33 2.02
C GLU B 74 -22.07 -16.82 2.05
N PHE B 75 -23.19 -16.12 2.28
CA PHE B 75 -23.21 -14.67 2.22
C PHE B 75 -23.84 -14.11 3.49
N LEU B 76 -23.13 -13.19 4.14
CA LEU B 76 -23.67 -12.40 5.24
C LEU B 76 -23.34 -10.96 4.91
N ARG B 77 -24.30 -10.26 4.31
CA ARG B 77 -24.05 -8.90 3.87
C ARG B 77 -25.12 -7.95 4.41
N LEU B 98 -27.32 -19.20 8.57
CA LEU B 98 -26.02 -19.77 8.24
C LEU B 98 -26.18 -21.25 7.92
N CYS B 99 -25.15 -21.84 7.29
CA CYS B 99 -25.22 -23.24 6.90
C CYS B 99 -24.71 -24.15 8.01
N ASP B 100 -23.78 -25.05 7.67
CA ASP B 100 -23.30 -26.09 8.58
C ASP B 100 -21.78 -26.14 8.47
N ILE B 101 -21.10 -25.41 9.35
CA ILE B 101 -19.64 -25.31 9.27
C ILE B 101 -18.91 -26.19 10.27
N ARG B 102 -19.59 -26.73 11.29
CA ARG B 102 -18.94 -27.59 12.27
C ARG B 102 -18.15 -28.69 11.58
N GLY B 103 -16.87 -28.80 11.95
CA GLY B 103 -15.98 -29.78 11.38
C GLY B 103 -15.52 -29.52 9.97
N LYS B 104 -15.92 -28.40 9.36
CA LYS B 104 -15.58 -28.10 7.98
C LYS B 104 -14.63 -26.91 7.93
N HIS B 105 -13.83 -26.86 6.86
CA HIS B 105 -12.84 -25.79 6.69
C HIS B 105 -13.53 -24.53 6.18
N VAL B 106 -13.23 -23.40 6.83
CA VAL B 106 -13.90 -22.14 6.56
C VAL B 106 -12.85 -21.09 6.18
N LEU B 107 -13.17 -20.30 5.16
CA LEU B 107 -12.35 -19.17 4.73
C LEU B 107 -13.26 -17.97 4.55
N VAL B 108 -13.13 -16.99 5.45
CA VAL B 108 -13.91 -15.76 5.36
C VAL B 108 -13.23 -14.83 4.36
N LEU B 109 -14.03 -14.27 3.46
CA LEU B 109 -13.54 -13.34 2.45
C LEU B 109 -14.18 -11.98 2.65
N GLU B 110 -13.40 -10.92 2.43
CA GLU B 110 -13.87 -9.57 2.63
C GLU B 110 -13.14 -8.67 1.64
N ASP B 111 -13.88 -7.76 1.00
CA ASP B 111 -13.26 -6.92 -0.02
C ASP B 111 -12.33 -5.88 0.60
N ILE B 112 -12.70 -5.35 1.77
CA ILE B 112 -11.87 -4.37 2.46
C ILE B 112 -11.73 -4.76 3.93
N LEU B 113 -10.51 -4.60 4.45
CA LEU B 113 -10.21 -4.83 5.86
C LEU B 113 -9.63 -3.54 6.42
N ASP B 114 -10.33 -2.93 7.37
CA ASP B 114 -9.98 -1.60 7.84
C ASP B 114 -9.86 -1.58 9.37
N THR B 115 -10.94 -1.23 10.06
CA THR B 115 -10.96 -1.28 11.52
C THR B 115 -10.81 -2.69 12.05
N ALA B 116 -11.14 -3.70 11.24
CA ALA B 116 -11.11 -5.11 11.62
C ALA B 116 -12.21 -5.46 12.60
N LEU B 117 -13.12 -4.52 12.88
CA LEU B 117 -14.18 -4.79 13.85
C LEU B 117 -15.18 -5.80 13.31
N THR B 118 -15.45 -5.75 12.01
CA THR B 118 -16.38 -6.72 11.42
C THR B 118 -15.76 -8.11 11.37
N LEU B 119 -14.51 -8.21 10.90
CA LEU B 119 -13.87 -9.51 10.76
C LEU B 119 -13.74 -10.21 12.11
N ARG B 120 -13.25 -9.48 13.11
CA ARG B 120 -13.09 -10.07 14.45
C ARG B 120 -14.40 -10.67 14.94
N GLU B 121 -15.51 -9.96 14.73
CA GLU B 121 -16.80 -10.45 15.20
C GLU B 121 -17.26 -11.67 14.39
N VAL B 122 -17.07 -11.64 13.07
CA VAL B 122 -17.47 -12.77 12.24
C VAL B 122 -16.64 -13.99 12.57
N VAL B 123 -15.31 -13.82 12.71
CA VAL B 123 -14.45 -14.95 13.02
C VAL B 123 -14.82 -15.55 14.37
N ASP B 124 -14.96 -14.70 15.38
CA ASP B 124 -15.22 -15.19 16.73
C ASP B 124 -16.55 -15.95 16.81
N SER B 125 -17.58 -15.44 16.13
CA SER B 125 -18.89 -16.09 16.18
C SER B 125 -18.88 -17.43 15.45
N LEU B 126 -18.19 -17.49 14.31
CA LEU B 126 -18.11 -18.74 13.57
C LEU B 126 -17.35 -19.81 14.37
N LYS B 127 -16.38 -19.40 15.18
CA LYS B 127 -15.66 -20.37 16.00
C LYS B 127 -16.60 -21.06 16.97
N LYS B 128 -17.68 -20.39 17.39
CA LYS B 128 -18.65 -21.02 18.27
CA LYS B 128 -18.65 -21.01 18.27
C LYS B 128 -19.25 -22.28 17.67
N SER B 129 -19.11 -22.46 16.35
CA SER B 129 -19.56 -23.67 15.67
C SER B 129 -18.48 -24.73 15.58
N GLU B 130 -17.23 -24.39 15.87
CA GLU B 130 -16.11 -25.32 15.88
C GLU B 130 -15.89 -25.95 14.51
N PRO B 131 -15.35 -25.20 13.56
CA PRO B 131 -14.97 -25.81 12.28
C PRO B 131 -13.58 -26.44 12.36
N ALA B 132 -13.30 -27.29 11.37
CA ALA B 132 -11.98 -27.94 11.33
C ALA B 132 -10.86 -26.90 11.33
N SER B 133 -11.04 -25.80 10.60
CA SER B 133 -10.10 -24.71 10.60
C SER B 133 -10.85 -23.45 10.17
N ILE B 134 -10.18 -22.31 10.29
CA ILE B 134 -10.79 -21.06 9.83
C ILE B 134 -9.69 -20.03 9.57
N LYS B 135 -9.73 -19.44 8.39
CA LYS B 135 -8.80 -18.38 8.01
C LYS B 135 -9.57 -17.31 7.27
N THR B 136 -8.93 -16.16 7.07
CA THR B 136 -9.55 -15.03 6.41
C THR B 136 -8.71 -14.57 5.23
N LEU B 137 -9.40 -14.07 4.21
CA LEU B 137 -8.75 -13.53 3.02
C LEU B 137 -9.48 -12.25 2.63
N VAL B 138 -8.73 -11.16 2.49
CA VAL B 138 -9.28 -9.86 2.14
C VAL B 138 -8.62 -9.37 0.86
N ALA B 139 -9.40 -8.70 0.02
CA ALA B 139 -8.86 -8.14 -1.21
C ALA B 139 -8.02 -6.89 -0.93
N ILE B 140 -8.60 -5.93 -0.21
CA ILE B 140 -7.93 -4.69 0.15
C ILE B 140 -7.77 -4.65 1.66
N ASP B 141 -6.52 -4.57 2.11
CA ASP B 141 -6.22 -4.39 3.53
C ASP B 141 -5.76 -2.95 3.75
N LYS B 142 -6.41 -2.27 4.68
CA LYS B 142 -6.01 -0.93 5.10
C LYS B 142 -5.28 -1.02 6.43
N PRO B 143 -3.99 -1.34 6.43
CA PRO B 143 -3.29 -1.55 7.71
C PRO B 143 -3.44 -0.39 8.68
N GLY B 144 -3.66 0.82 8.19
CA GLY B 144 -3.68 1.99 9.04
C GLY B 144 -5.02 2.37 9.63
N GLY B 145 -6.05 1.57 9.42
CA GLY B 145 -7.37 1.85 9.96
C GLY B 145 -7.77 1.05 11.16
N ARG B 146 -6.93 0.11 11.59
CA ARG B 146 -7.28 -0.78 12.69
C ARG B 146 -7.75 -0.01 13.91
N LYS B 147 -8.79 -0.54 14.57
CA LYS B 147 -9.18 -0.11 15.89
C LYS B 147 -8.99 -1.22 16.92
N ILE B 148 -8.58 -2.40 16.46
CA ILE B 148 -8.14 -3.51 17.30
C ILE B 148 -7.08 -4.26 16.51
N PRO B 149 -6.19 -5.02 17.14
CA PRO B 149 -5.23 -5.82 16.36
C PRO B 149 -5.94 -6.91 15.57
N PHE B 150 -5.55 -7.06 14.31
CA PHE B 150 -6.07 -8.14 13.47
C PHE B 150 -5.24 -8.30 12.20
N THR B 151 -4.81 -9.54 11.93
CA THR B 151 -4.05 -9.87 10.73
C THR B 151 -4.80 -10.94 9.96
N ALA B 152 -4.95 -10.73 8.66
CA ALA B 152 -5.58 -11.71 7.79
C ALA B 152 -4.53 -12.66 7.24
N GLU B 153 -4.88 -13.95 7.16
CA GLU B 153 -3.93 -14.95 6.67
C GLU B 153 -3.47 -14.63 5.26
N TYR B 154 -4.38 -14.16 4.41
CA TYR B 154 -4.05 -13.85 3.02
C TYR B 154 -4.56 -12.45 2.68
N VAL B 155 -3.68 -11.63 2.14
CA VAL B 155 -3.99 -10.26 1.72
C VAL B 155 -3.62 -10.11 0.26
N VAL B 156 -4.56 -9.64 -0.55
CA VAL B 156 -4.26 -9.42 -1.96
C VAL B 156 -3.43 -8.16 -2.14
N ALA B 157 -3.86 -7.05 -1.55
CA ALA B 157 -3.14 -5.78 -1.72
C ALA B 157 -3.34 -4.88 -0.52
N ASP B 158 -2.37 -4.00 -0.30
CA ASP B 158 -2.43 -2.99 0.74
C ASP B 158 -2.82 -1.64 0.15
N VAL B 159 -3.56 -0.85 0.92
CA VAL B 159 -3.95 0.49 0.48
C VAL B 159 -3.68 1.48 1.61
N PRO B 160 -3.05 2.62 1.32
CA PRO B 160 -2.85 3.62 2.37
C PRO B 160 -4.16 4.19 2.89
N ASN B 161 -4.07 5.28 3.65
CA ASN B 161 -5.24 5.85 4.30
C ASN B 161 -5.90 6.88 3.37
N VAL B 162 -6.46 6.35 2.29
CA VAL B 162 -7.18 7.13 1.29
C VAL B 162 -8.50 6.43 1.00
N PHE B 163 -9.48 7.21 0.57
CA PHE B 163 -10.79 6.66 0.21
C PHE B 163 -10.73 6.13 -1.22
N VAL B 164 -10.81 4.81 -1.36
CA VAL B 164 -10.77 4.16 -2.66
C VAL B 164 -12.15 3.58 -2.97
N VAL B 165 -12.46 3.50 -4.27
CA VAL B 165 -13.65 2.82 -4.74
C VAL B 165 -13.24 1.89 -5.86
N GLY B 166 -14.13 0.97 -6.21
CA GLY B 166 -13.89 0.02 -7.27
C GLY B 166 -13.72 -1.40 -6.73
N TYR B 167 -13.82 -2.34 -7.68
CA TYR B 167 -13.74 -3.77 -7.36
C TYR B 167 -14.73 -4.14 -6.26
N GLY B 168 -15.96 -3.62 -6.38
CA GLY B 168 -16.99 -3.85 -5.41
C GLY B 168 -17.10 -2.79 -4.33
N LEU B 169 -16.01 -2.07 -4.05
CA LEU B 169 -16.03 -1.01 -3.05
C LEU B 169 -16.79 0.19 -3.59
N ASP B 170 -17.75 0.67 -2.80
CA ASP B 170 -18.68 1.71 -3.22
C ASP B 170 -18.38 3.03 -2.52
N TYR B 171 -18.94 4.09 -3.08
CA TYR B 171 -19.25 5.32 -2.34
C TYR B 171 -20.76 5.50 -2.44
N ASP B 172 -21.45 5.31 -1.32
CA ASP B 172 -22.91 5.41 -1.26
C ASP B 172 -23.55 4.56 -2.35
N GLN B 173 -23.17 3.29 -2.39
CA GLN B 173 -23.78 2.29 -3.28
C GLN B 173 -23.29 2.42 -4.71
N SER B 174 -22.51 3.45 -5.03
CA SER B 174 -22.08 3.68 -6.41
C SER B 174 -20.62 3.34 -6.58
N TYR B 175 -20.23 3.15 -7.85
CA TYR B 175 -18.86 2.88 -8.28
C TYR B 175 -18.41 1.47 -7.93
N ARG B 176 -19.30 0.62 -7.45
CA ARG B 176 -18.94 -0.77 -7.22
C ARG B 176 -18.41 -1.43 -8.49
N GLU B 177 -19.03 -1.09 -9.63
CA GLU B 177 -18.71 -1.76 -10.89
C GLU B 177 -17.38 -1.31 -11.49
N VAL B 178 -16.75 -0.27 -10.95
CA VAL B 178 -15.45 0.14 -11.46
C VAL B 178 -14.48 -1.03 -11.37
N ARG B 179 -13.83 -1.34 -12.49
CA ARG B 179 -13.00 -2.54 -12.56
C ARG B 179 -11.76 -2.43 -11.69
N ASP B 180 -11.27 -1.22 -11.44
CA ASP B 180 -10.05 -1.02 -10.69
C ASP B 180 -10.34 -0.40 -9.33
N VAL B 181 -9.35 -0.45 -8.45
CA VAL B 181 -9.40 0.20 -7.14
C VAL B 181 -8.77 1.57 -7.31
N VAL B 182 -9.57 2.62 -7.23
CA VAL B 182 -9.15 3.99 -7.53
C VAL B 182 -9.33 4.85 -6.29
N ILE B 183 -8.74 6.03 -6.33
CA ILE B 183 -8.92 7.06 -5.31
C ILE B 183 -10.04 7.98 -5.77
N LEU B 184 -11.16 7.94 -5.07
CA LEU B 184 -12.31 8.77 -5.45
C LEU B 184 -11.96 10.25 -5.35
N LYS B 185 -12.02 10.95 -6.47
CA LYS B 185 -11.80 12.39 -6.55
C LYS B 185 -12.57 13.08 -5.44
N PRO B 186 -11.91 13.91 -4.63
CA PRO B 186 -12.61 14.52 -3.49
C PRO B 186 -13.80 15.37 -3.89
N SER B 187 -13.80 15.95 -5.10
CA SER B 187 -14.94 16.73 -5.54
C SER B 187 -16.21 15.89 -5.62
N VAL B 188 -16.08 14.57 -5.80
CA VAL B 188 -17.24 13.70 -5.89
C VAL B 188 -18.01 13.72 -4.57
N TYR B 189 -17.39 13.23 -3.49
CA TYR B 189 -18.10 13.10 -2.23
C TYR B 189 -18.28 14.44 -1.51
N GLU B 190 -17.47 15.45 -1.83
CA GLU B 190 -17.70 16.77 -1.25
C GLU B 190 -19.00 17.37 -1.78
N THR B 191 -19.25 17.25 -3.08
CA THR B 191 -20.48 17.76 -3.67
C THR B 191 -21.69 16.87 -3.37
N TRP B 192 -21.47 15.59 -3.07
CA TRP B 192 -22.59 14.68 -2.84
C TRP B 192 -23.16 14.81 -1.44
N GLY B 193 -22.32 15.07 -0.44
CA GLY B 193 -22.84 15.31 0.90
C GLY B 193 -23.74 16.51 0.98
N LYS B 194 -23.46 17.53 0.19
CA LYS B 194 -24.24 18.77 0.18
C LYS B 194 -25.35 18.69 -0.86
N CYS C 2 -5.84 17.09 1.49
CA CYS C 2 -4.92 17.85 0.64
C CYS C 2 -3.79 18.48 1.44
N LYS C 3 -3.82 19.81 1.54
CA LYS C 3 -2.79 20.62 2.20
C LYS C 3 -1.70 21.02 1.22
N TYR C 4 -1.54 20.24 0.15
CA TYR C 4 -0.49 20.48 -0.83
C TYR C 4 -1.13 20.77 -2.19
N ASP C 5 -0.88 21.98 -2.71
CA ASP C 5 -1.40 22.29 -4.04
C ASP C 5 -0.64 21.57 -5.15
N PHE C 6 0.35 20.73 -4.81
CA PHE C 6 1.10 19.96 -5.79
C PHE C 6 0.86 18.45 -5.63
N ALA C 7 -0.17 18.06 -4.89
CA ALA C 7 -0.49 16.65 -4.68
C ALA C 7 -2.00 16.48 -4.69
N THR C 8 -2.44 15.33 -5.21
CA THR C 8 -3.85 14.97 -5.14
C THR C 8 -4.20 14.14 -3.93
N SER C 9 -3.22 13.49 -3.29
CA SER C 9 -3.49 12.61 -2.17
C SER C 9 -2.24 12.53 -1.28
N VAL C 10 -2.49 12.33 0.01
CA VAL C 10 -1.44 12.06 0.99
C VAL C 10 -1.56 10.58 1.37
N LEU C 11 -0.56 9.80 0.98
CA LEU C 11 -0.61 8.37 1.25
C LEU C 11 -0.21 8.06 2.69
N PHE C 12 0.92 8.59 3.14
CA PHE C 12 1.40 8.37 4.49
C PHE C 12 1.94 9.66 5.07
N THR C 13 1.56 9.95 6.31
CA THR C 13 2.06 11.12 7.01
C THR C 13 3.35 10.79 7.77
N GLU C 14 4.12 11.83 8.07
CA GLU C 14 5.30 11.67 8.92
C GLU C 14 4.98 10.86 10.17
N ALA C 15 3.85 11.15 10.82
CA ALA C 15 3.48 10.41 12.01
C ALA C 15 3.15 8.95 11.68
N GLU C 16 2.43 8.71 10.59
CA GLU C 16 2.16 7.34 10.17
C GLU C 16 3.46 6.59 9.91
N LEU C 17 4.37 7.22 9.16
CA LEU C 17 5.66 6.58 8.87
C LEU C 17 6.44 6.32 10.14
N HIS C 18 6.47 7.27 11.07
CA HIS C 18 7.22 7.08 12.30
C HIS C 18 6.60 6.01 13.19
N THR C 19 5.28 5.88 13.16
CA THR C 19 4.64 4.80 13.91
C THR C 19 5.03 3.44 13.34
N ARG C 20 4.93 3.29 12.02
CA ARG C 20 5.35 2.03 11.39
C ARG C 20 6.83 1.74 11.65
N MET C 21 7.66 2.79 11.64
CA MET C 21 9.09 2.59 11.89
C MET C 21 9.34 2.12 13.32
N ARG C 22 8.56 2.62 14.28
CA ARG C 22 8.69 2.13 15.65
C ARG C 22 8.40 0.64 15.73
N GLY C 23 7.32 0.20 15.06
CA GLY C 23 7.02 -1.23 15.02
C GLY C 23 8.14 -2.03 14.39
N VAL C 24 8.77 -1.49 13.33
CA VAL C 24 9.91 -2.17 12.73
C VAL C 24 11.08 -2.19 13.69
N ALA C 25 11.31 -1.07 14.40
CA ALA C 25 12.42 -0.99 15.34
C ALA C 25 12.29 -2.04 16.44
N GLN C 26 11.07 -2.22 16.97
CA GLN C 26 10.87 -3.27 17.96
C GLN C 26 11.24 -4.64 17.39
N ARG C 27 10.85 -4.89 16.15
CA ARG C 27 11.20 -6.17 15.51
CA ARG C 27 11.20 -6.16 15.52
C ARG C 27 12.71 -6.27 15.32
N ILE C 28 13.35 -5.20 14.85
CA ILE C 28 14.79 -5.22 14.63
C ILE C 28 15.53 -5.45 15.95
N ALA C 29 15.07 -4.79 17.02
CA ALA C 29 15.72 -4.96 18.32
C ALA C 29 15.62 -6.40 18.80
N ASP C 30 14.43 -7.01 18.68
CA ASP C 30 14.26 -8.40 19.07
C ASP C 30 15.18 -9.31 18.25
N ASP C 31 15.25 -9.07 16.93
CA ASP C 31 15.95 -9.98 16.04
C ASP C 31 17.45 -10.00 16.31
N TYR C 32 18.02 -8.89 16.76
CA TYR C 32 19.44 -8.82 17.10
C TYR C 32 19.68 -8.90 18.59
N SER C 33 18.69 -9.39 19.35
CA SER C 33 18.82 -9.48 20.80
C SER C 33 20.06 -10.28 21.18
N ASN C 34 20.25 -11.44 20.56
CA ASN C 34 21.40 -12.29 20.85
C ASN C 34 22.65 -11.89 20.07
N CYS C 35 22.67 -10.70 19.49
CA CYS C 35 23.83 -10.24 18.74
C CYS C 35 24.83 -9.46 19.58
N ASN C 36 24.43 -8.99 20.77
CA ASN C 36 25.31 -8.25 21.66
C ASN C 36 25.86 -7.00 20.99
N LEU C 37 24.96 -6.20 20.42
CA LEU C 37 25.34 -4.96 19.79
C LEU C 37 25.63 -3.90 20.85
N LYS C 38 26.70 -3.14 20.63
CA LYS C 38 27.09 -2.06 21.51
C LYS C 38 27.84 -1.02 20.70
N PRO C 39 27.74 0.26 21.04
CA PRO C 39 28.50 1.27 20.31
C PRO C 39 29.99 0.95 20.29
N LEU C 40 30.64 1.31 19.19
CA LEU C 40 32.08 1.17 19.06
C LEU C 40 32.49 -0.30 19.00
N GLU C 41 32.22 -1.06 20.06
CA GLU C 41 32.66 -2.45 20.09
C GLU C 41 31.96 -3.28 19.02
N ASN C 42 30.66 -3.07 18.81
CA ASN C 42 29.91 -3.94 17.92
C ASN C 42 28.62 -3.27 17.45
N PRO C 43 28.70 -2.16 16.72
CA PRO C 43 27.48 -1.49 16.24
C PRO C 43 26.92 -2.17 15.00
N LEU C 44 25.61 -2.01 14.82
CA LEU C 44 24.96 -2.46 13.59
C LEU C 44 25.33 -1.53 12.45
N VAL C 45 25.97 -2.08 11.41
CA VAL C 45 26.41 -1.28 10.28
C VAL C 45 25.21 -0.96 9.40
N ILE C 46 24.90 0.32 9.28
CA ILE C 46 23.81 0.80 8.43
C ILE C 46 24.40 1.27 7.12
N VAL C 47 23.93 0.71 6.00
CA VAL C 47 24.44 1.03 4.68
C VAL C 47 23.30 1.69 3.91
N SER C 48 23.31 3.01 3.85
CA SER C 48 22.23 3.76 3.22
C SER C 48 22.47 3.87 1.72
N VAL C 49 21.48 3.45 0.93
CA VAL C 49 21.56 3.45 -0.53
C VAL C 49 20.55 4.46 -1.07
N LEU C 50 20.96 5.18 -2.11
CA LEU C 50 20.14 6.20 -2.76
C LEU C 50 20.24 7.55 -2.05
N LYS C 51 20.28 8.64 -2.82
CA LYS C 51 20.50 9.96 -2.25
C LYS C 51 19.36 10.37 -1.32
N GLY C 52 18.12 10.05 -1.71
CA GLY C 52 16.98 10.45 -0.91
C GLY C 52 16.84 9.72 0.41
N SER C 53 17.63 8.67 0.63
CA SER C 53 17.47 7.86 1.84
C SER C 53 18.05 8.52 3.08
N PHE C 54 18.70 9.68 2.95
CA PHE C 54 19.25 10.33 4.13
C PHE C 54 18.15 10.69 5.12
N VAL C 55 16.98 11.10 4.61
CA VAL C 55 15.86 11.40 5.49
C VAL C 55 15.44 10.16 6.26
N PHE C 56 15.14 9.07 5.54
CA PHE C 56 14.74 7.82 6.19
C PHE C 56 15.82 7.35 7.16
N THR C 57 17.08 7.36 6.73
CA THR C 57 18.15 6.85 7.59
C THR C 57 18.33 7.72 8.83
N ALA C 58 18.17 9.03 8.69
CA ALA C 58 18.31 9.92 9.84
C ALA C 58 17.25 9.62 10.89
N ASP C 59 16.03 9.32 10.46
CA ASP C 59 14.96 8.99 11.40
C ASP C 59 15.08 7.56 11.93
N MET C 60 15.55 6.63 11.09
CA MET C 60 15.61 5.23 11.50
C MET C 60 16.68 5.00 12.56
N VAL C 61 17.88 5.56 12.35
CA VAL C 61 18.97 5.34 13.30
C VAL C 61 18.61 5.89 14.66
N ARG C 62 18.00 7.08 14.71
CA ARG C 62 17.56 7.65 15.97
C ARG C 62 16.51 6.76 16.63
N ILE C 63 15.51 6.33 15.85
CA ILE C 63 14.48 5.45 16.40
C ILE C 63 15.09 4.11 16.81
N LEU C 64 16.01 3.59 16.01
CA LEU C 64 16.70 2.36 16.39
C LEU C 64 17.43 2.54 17.73
N GLY C 65 18.13 3.66 17.88
CA GLY C 65 18.77 3.96 19.16
C GLY C 65 17.78 4.01 20.30
N ASP C 66 16.62 4.64 20.08
CA ASP C 66 15.57 4.64 21.09
C ASP C 66 15.31 3.23 21.61
N PHE C 67 15.32 2.25 20.72
CA PHE C 67 15.03 0.86 21.06
C PHE C 67 16.30 0.07 21.39
N GLY C 68 17.37 0.74 21.79
CA GLY C 68 18.55 0.04 22.24
C GLY C 68 19.35 -0.63 21.14
N VAL C 69 19.31 -0.10 19.92
CA VAL C 69 20.07 -0.65 18.82
C VAL C 69 21.12 0.36 18.38
N PRO C 70 22.38 0.20 18.78
CA PRO C 70 23.42 1.13 18.34
C PRO C 70 23.86 0.82 16.93
N THR C 71 24.18 1.87 16.17
CA THR C 71 24.46 1.72 14.75
C THR C 71 25.62 2.59 14.34
N ARG C 72 26.08 2.36 13.11
CA ARG C 72 27.04 3.20 12.41
C ARG C 72 26.62 3.27 10.96
N VAL C 73 26.84 4.42 10.33
CA VAL C 73 26.25 4.73 9.04
C VAL C 73 27.32 4.76 7.95
N GLU C 74 27.00 4.18 6.80
CA GLU C 74 27.78 4.30 5.58
C GLU C 74 26.82 4.63 4.45
N PHE C 75 27.29 5.41 3.48
CA PHE C 75 26.47 5.86 2.36
C PHE C 75 27.04 5.33 1.05
N LEU C 76 26.16 4.82 0.21
CA LEU C 76 26.55 4.32 -1.10
C LEU C 76 25.97 5.20 -2.21
N LEU C 98 34.28 2.92 3.36
CA LEU C 98 33.10 2.23 2.84
C LEU C 98 33.07 0.77 3.29
N CYS C 99 34.03 0.38 4.14
CA CYS C 99 34.21 -1.04 4.41
C CYS C 99 34.36 -1.36 5.90
N ASP C 100 35.06 -2.46 6.19
CA ASP C 100 35.13 -3.04 7.53
C ASP C 100 33.78 -3.64 7.91
N ILE C 101 33.34 -4.66 7.16
CA ILE C 101 32.07 -5.32 7.41
C ILE C 101 32.22 -6.81 7.68
N ARG C 102 33.44 -7.35 7.60
CA ARG C 102 33.63 -8.77 7.86
C ARG C 102 33.25 -9.10 9.29
N GLY C 103 32.45 -10.16 9.45
CA GLY C 103 32.04 -10.58 10.78
C GLY C 103 31.09 -9.63 11.48
N LYS C 104 30.56 -8.63 10.78
CA LYS C 104 29.66 -7.65 11.36
C LYS C 104 28.27 -7.78 10.74
N HIS C 105 27.25 -7.49 11.54
CA HIS C 105 25.88 -7.52 11.06
C HIS C 105 25.59 -6.24 10.28
N VAL C 106 25.05 -6.40 9.07
CA VAL C 106 24.75 -5.27 8.21
C VAL C 106 23.26 -5.17 8.01
N LEU C 107 22.77 -3.93 7.93
CA LEU C 107 21.37 -3.64 7.62
C LEU C 107 21.36 -2.59 6.53
N VAL C 108 20.96 -2.98 5.32
CA VAL C 108 20.89 -2.06 4.20
C VAL C 108 19.56 -1.33 4.25
N LEU C 109 19.62 0.00 4.16
CA LEU C 109 18.43 0.85 4.19
C LEU C 109 18.30 1.58 2.86
N GLU C 110 17.05 1.80 2.45
CA GLU C 110 16.74 2.41 1.17
C GLU C 110 15.34 3.01 1.28
N ASP C 111 15.17 4.21 0.73
CA ASP C 111 13.89 4.90 0.92
C ASP C 111 12.78 4.27 0.10
N ILE C 112 13.10 3.76 -1.09
CA ILE C 112 12.11 3.12 -1.95
C ILE C 112 12.71 1.87 -2.55
N LEU C 113 11.87 0.84 -2.71
CA LEU C 113 12.23 -0.41 -3.37
C LEU C 113 11.20 -0.66 -4.47
N ASP C 114 11.63 -0.54 -5.71
CA ASP C 114 10.73 -0.71 -6.86
C ASP C 114 11.12 -1.95 -7.65
N THR C 115 12.03 -1.79 -8.62
CA THR C 115 12.49 -2.92 -9.42
C THR C 115 13.38 -3.88 -8.63
N ALA C 116 13.90 -3.46 -7.48
CA ALA C 116 14.80 -4.28 -6.68
C ALA C 116 16.11 -4.56 -7.39
N LEU C 117 16.39 -3.81 -8.46
CA LEU C 117 17.65 -4.00 -9.17
C LEU C 117 18.83 -3.44 -8.37
N THR C 118 18.66 -2.25 -7.80
CA THR C 118 19.74 -1.65 -7.01
C THR C 118 20.05 -2.50 -5.78
N LEU C 119 19.01 -2.84 -5.01
CA LEU C 119 19.23 -3.58 -3.77
C LEU C 119 19.84 -4.95 -4.02
N ARG C 120 19.35 -5.66 -5.03
CA ARG C 120 19.91 -6.98 -5.34
C ARG C 120 21.40 -6.89 -5.62
N GLU C 121 21.82 -5.88 -6.37
CA GLU C 121 23.24 -5.70 -6.66
C GLU C 121 24.01 -5.33 -5.40
N VAL C 122 23.51 -4.36 -4.64
CA VAL C 122 24.20 -3.92 -3.42
C VAL C 122 24.38 -5.08 -2.45
N VAL C 123 23.32 -5.89 -2.27
CA VAL C 123 23.37 -6.96 -1.28
C VAL C 123 24.39 -8.03 -1.69
N ASP C 124 24.26 -8.55 -2.92
CA ASP C 124 25.21 -9.55 -3.39
C ASP C 124 26.64 -9.04 -3.31
N SER C 125 26.84 -7.74 -3.59
CA SER C 125 28.19 -7.18 -3.52
C SER C 125 28.72 -7.17 -2.10
N LEU C 126 27.87 -6.84 -1.14
CA LEU C 126 28.30 -6.83 0.26
C LEU C 126 28.51 -8.24 0.80
N LYS C 127 27.76 -9.22 0.28
CA LYS C 127 27.91 -10.59 0.74
CA LYS C 127 27.92 -10.59 0.74
C LYS C 127 29.32 -11.11 0.47
N LYS C 128 30.00 -10.57 -0.54
CA LYS C 128 31.37 -10.99 -0.82
CA LYS C 128 31.37 -10.99 -0.81
C LYS C 128 32.27 -10.80 0.40
N SER C 129 32.00 -9.78 1.21
CA SER C 129 32.80 -9.49 2.38
C SER C 129 32.52 -10.42 3.55
N GLU C 130 31.54 -11.30 3.45
CA GLU C 130 31.21 -12.26 4.49
C GLU C 130 30.92 -11.55 5.81
N PRO C 131 29.82 -10.81 5.90
CA PRO C 131 29.41 -10.26 7.20
C PRO C 131 28.75 -11.34 8.04
N ALA C 132 28.61 -11.03 9.34
CA ALA C 132 27.90 -11.95 10.23
C ALA C 132 26.47 -12.19 9.76
N SER C 133 25.78 -11.11 9.37
CA SER C 133 24.44 -11.22 8.82
C SER C 133 24.18 -10.00 7.94
N ILE C 134 23.12 -10.09 7.14
CA ILE C 134 22.74 -9.00 6.27
C ILE C 134 21.23 -9.07 6.00
N LYS C 135 20.54 -7.98 6.31
CA LYS C 135 19.12 -7.85 6.01
C LYS C 135 18.87 -6.45 5.45
N THR C 136 17.70 -6.28 4.84
CA THR C 136 17.33 -5.02 4.22
C THR C 136 16.10 -4.44 4.89
N LEU C 137 16.01 -3.11 4.87
CA LEU C 137 14.86 -2.39 5.38
C LEU C 137 14.58 -1.22 4.46
N VAL C 138 13.35 -1.13 3.96
CA VAL C 138 12.96 -0.09 3.01
C VAL C 138 11.81 0.70 3.63
N ALA C 139 11.83 2.02 3.41
CA ALA C 139 10.72 2.86 3.87
C ALA C 139 9.50 2.67 3.00
N ILE C 140 9.67 2.72 1.68
CA ILE C 140 8.58 2.60 0.73
C ILE C 140 8.88 1.43 -0.18
N ASP C 141 8.12 0.35 -0.03
CA ASP C 141 8.19 -0.78 -0.95
C ASP C 141 7.08 -0.65 -1.97
N LYS C 142 7.42 -0.81 -3.24
CA LYS C 142 6.44 -0.85 -4.31
C LYS C 142 6.38 -2.27 -4.85
N PRO C 143 5.63 -3.17 -4.20
CA PRO C 143 5.67 -4.59 -4.57
C PRO C 143 5.27 -4.86 -6.02
N GLY C 144 4.71 -3.87 -6.73
CA GLY C 144 4.28 -4.07 -8.09
C GLY C 144 5.26 -3.71 -9.17
N GLY C 145 6.46 -3.24 -8.80
CA GLY C 145 7.43 -2.78 -9.77
C GLY C 145 8.62 -3.67 -10.00
N ARG C 146 8.59 -4.91 -9.52
CA ARG C 146 9.76 -5.78 -9.56
C ARG C 146 10.12 -6.15 -11.00
N LYS C 147 11.41 -6.03 -11.33
CA LYS C 147 11.97 -6.67 -12.51
C LYS C 147 12.65 -7.99 -12.18
N ILE C 148 13.02 -8.20 -10.93
CA ILE C 148 13.44 -9.51 -10.42
C ILE C 148 12.76 -9.71 -9.08
N PRO C 149 12.66 -10.96 -8.63
CA PRO C 149 12.05 -11.22 -7.33
C PRO C 149 12.95 -10.76 -6.19
N PHE C 150 12.33 -10.16 -5.17
CA PHE C 150 13.11 -9.67 -4.03
C PHE C 150 12.20 -9.20 -2.90
N THR C 151 12.36 -9.82 -1.73
CA THR C 151 11.58 -9.49 -0.54
C THR C 151 12.52 -8.87 0.49
N ALA C 152 12.19 -7.65 0.91
CA ALA C 152 12.94 -7.00 1.98
C ALA C 152 12.50 -7.55 3.33
N GLU C 153 13.47 -7.77 4.22
CA GLU C 153 13.14 -8.30 5.54
C GLU C 153 12.29 -7.34 6.34
N TYR C 154 12.50 -6.04 6.19
CA TYR C 154 11.76 -5.03 6.93
C TYR C 154 11.19 -4.00 5.96
N VAL C 155 9.90 -3.71 6.09
CA VAL C 155 9.20 -2.79 5.21
C VAL C 155 8.34 -1.88 6.07
N VAL C 156 8.44 -0.57 5.83
CA VAL C 156 7.63 0.38 6.59
C VAL C 156 6.23 0.49 5.99
N ALA C 157 6.14 0.68 4.68
CA ALA C 157 4.85 0.87 4.04
C ALA C 157 4.89 0.39 2.60
N ASP C 158 3.72 0.01 2.09
CA ASP C 158 3.54 -0.42 0.71
C ASP C 158 2.84 0.68 -0.07
N VAL C 159 3.37 0.99 -1.25
CA VAL C 159 2.76 1.99 -2.13
C VAL C 159 2.37 1.32 -3.43
N PRO C 160 1.17 1.58 -3.96
CA PRO C 160 0.79 1.02 -5.26
C PRO C 160 1.67 1.57 -6.38
N ASN C 161 1.41 1.16 -7.61
CA ASN C 161 2.18 1.64 -8.76
C ASN C 161 1.72 3.05 -9.13
N VAL C 162 2.10 3.99 -8.28
CA VAL C 162 1.88 5.41 -8.50
C VAL C 162 3.16 6.14 -8.15
N PHE C 163 3.38 7.28 -8.81
CA PHE C 163 4.58 8.08 -8.59
C PHE C 163 4.37 8.99 -7.38
N VAL C 164 5.19 8.81 -6.34
CA VAL C 164 5.05 9.56 -5.09
C VAL C 164 6.31 10.35 -4.83
N VAL C 165 6.18 11.37 -3.99
CA VAL C 165 7.29 12.21 -3.55
C VAL C 165 7.15 12.47 -2.06
N GLY C 166 8.24 12.91 -1.45
CA GLY C 166 8.28 13.17 -0.03
C GLY C 166 9.12 12.16 0.72
N TYR C 167 9.43 12.52 1.97
CA TYR C 167 10.28 11.70 2.84
C TYR C 167 11.57 11.31 2.14
N GLY C 168 12.12 12.24 1.35
CA GLY C 168 13.34 12.05 0.61
C GLY C 168 13.15 11.63 -0.83
N LEU C 169 11.96 11.16 -1.19
CA LEU C 169 11.68 10.81 -2.58
C LEU C 169 11.39 12.07 -3.37
N ASP C 170 12.04 12.20 -4.52
CA ASP C 170 12.05 13.44 -5.27
C ASP C 170 11.40 13.26 -6.65
N TYR C 171 10.97 14.39 -7.20
CA TYR C 171 10.75 14.54 -8.64
C TYR C 171 11.78 15.54 -9.15
N ASP C 172 12.78 15.04 -9.88
CA ASP C 172 13.82 15.88 -10.44
C ASP C 172 14.47 16.76 -9.37
N GLN C 173 14.79 16.15 -8.23
CA GLN C 173 15.56 16.73 -7.13
C GLN C 173 14.72 17.60 -6.20
N SER C 174 13.43 17.78 -6.46
CA SER C 174 12.58 18.63 -5.64
C SER C 174 11.56 17.78 -4.88
N TYR C 175 11.03 18.37 -3.81
CA TYR C 175 9.99 17.79 -2.96
C TYR C 175 10.54 16.72 -2.01
N ARG C 176 11.85 16.53 -1.96
CA ARG C 176 12.42 15.62 -0.97
C ARG C 176 12.04 16.06 0.44
N GLU C 177 11.93 17.36 0.65
CA GLU C 177 11.69 17.90 1.99
C GLU C 177 10.25 17.74 2.43
N VAL C 178 9.34 17.42 1.52
CA VAL C 178 7.96 17.15 1.91
C VAL C 178 7.96 16.13 3.03
N ARG C 179 7.21 16.42 4.09
CA ARG C 179 7.23 15.55 5.25
C ARG C 179 6.55 14.21 4.98
N ASP C 180 5.55 14.19 4.11
CA ASP C 180 4.74 13.01 3.87
C ASP C 180 5.00 12.44 2.48
N VAL C 181 4.63 11.16 2.33
CA VAL C 181 4.68 10.50 1.02
C VAL C 181 3.36 10.81 0.31
N VAL C 182 3.44 11.55 -0.80
CA VAL C 182 2.27 12.03 -1.50
C VAL C 182 2.37 11.67 -2.98
N ILE C 183 1.22 11.60 -3.63
CA ILE C 183 1.14 11.36 -5.06
C ILE C 183 1.25 12.70 -5.77
N LEU C 184 2.33 12.90 -6.51
CA LEU C 184 2.57 14.16 -7.19
C LEU C 184 1.50 14.42 -8.24
N LYS C 185 0.95 15.63 -8.24
CA LYS C 185 -0.09 15.97 -9.19
C LYS C 185 0.46 15.93 -10.61
N PRO C 186 -0.29 15.37 -11.57
CA PRO C 186 0.21 15.32 -12.94
C PRO C 186 0.52 16.67 -13.54
N SER C 187 -0.22 17.72 -13.17
CA SER C 187 0.00 19.06 -13.70
C SER C 187 1.38 19.58 -13.31
N VAL C 188 2.16 18.75 -12.63
CA VAL C 188 3.51 19.12 -12.18
C VAL C 188 4.58 18.53 -13.09
N TYR C 189 4.53 17.22 -13.35
CA TYR C 189 5.57 16.57 -14.15
C TYR C 189 5.22 16.45 -15.63
N GLU C 190 3.96 16.63 -16.01
CA GLU C 190 3.66 16.87 -17.42
C GLU C 190 4.21 18.22 -17.85
N THR C 191 3.84 19.28 -17.13
CA THR C 191 4.58 20.52 -17.22
C THR C 191 6.00 20.31 -16.72
N TRP C 192 6.87 21.28 -16.99
CA TRP C 192 8.27 21.17 -16.58
C TRP C 192 8.96 20.05 -17.36
N GLY C 193 8.38 18.85 -17.35
CA GLY C 193 8.87 17.80 -18.22
C GLY C 193 8.95 18.23 -19.67
N LYS C 194 8.11 19.18 -20.07
CA LYS C 194 8.21 19.80 -21.39
C LYS C 194 9.04 21.07 -21.35
N GLU C 195 9.00 21.82 -20.25
CA GLU C 195 9.92 22.95 -20.09
C GLU C 195 11.37 22.49 -20.10
N LEU C 196 11.62 21.20 -19.87
CA LEU C 196 12.94 20.62 -20.02
C LEU C 196 13.31 20.38 -21.48
N GLU C 197 12.66 21.11 -22.39
CA GLU C 197 12.85 21.00 -23.84
C GLU C 197 14.04 20.16 -24.29
N CYS D 2 23.45 12.75 31.04
CA CYS D 2 23.16 12.24 32.38
C CYS D 2 21.90 11.38 32.34
N LYS D 3 20.94 11.76 31.50
CA LYS D 3 19.87 10.85 31.16
C LYS D 3 20.39 9.64 30.40
N TYR D 4 21.62 9.72 29.91
CA TYR D 4 22.29 8.64 29.20
C TYR D 4 23.38 8.07 30.10
N ASP D 5 23.42 6.74 30.22
CA ASP D 5 24.41 6.09 31.06
C ASP D 5 25.83 6.26 30.54
N PHE D 6 26.05 7.00 29.46
CA PHE D 6 27.37 7.14 28.86
C PHE D 6 27.82 8.59 28.73
N ALA D 7 26.98 9.56 29.08
CA ALA D 7 27.31 10.98 28.96
C ALA D 7 27.21 11.65 30.31
N THR D 8 28.19 12.52 30.61
CA THR D 8 28.14 13.29 31.85
C THR D 8 27.17 14.45 31.78
N SER D 9 26.83 14.92 30.58
CA SER D 9 25.92 16.05 30.45
CA SER D 9 25.92 16.04 30.46
C SER D 9 25.35 16.08 29.04
N VAL D 10 24.18 16.69 28.93
CA VAL D 10 23.50 16.93 27.65
C VAL D 10 23.54 18.42 27.39
N LEU D 11 24.02 18.82 26.21
CA LEU D 11 24.14 20.23 25.91
C LEU D 11 22.87 20.81 25.30
N PHE D 12 22.31 20.13 24.30
CA PHE D 12 21.10 20.61 23.62
C PHE D 12 20.23 19.40 23.29
N THR D 13 19.02 19.38 23.82
CA THR D 13 18.08 18.33 23.48
C THR D 13 17.60 18.49 22.04
N GLU D 14 17.12 17.39 21.47
CA GLU D 14 16.61 17.41 20.11
C GLU D 14 15.50 18.44 19.95
N ALA D 15 14.66 18.60 20.98
CA ALA D 15 13.63 19.64 20.96
C ALA D 15 14.25 21.03 20.92
N GLU D 16 15.25 21.27 21.78
CA GLU D 16 15.91 22.59 21.78
C GLU D 16 16.59 22.86 20.43
N LEU D 17 17.19 21.82 19.84
CA LEU D 17 17.80 21.99 18.53
C LEU D 17 16.77 22.42 17.50
N HIS D 18 15.59 21.80 17.52
CA HIS D 18 14.56 22.12 16.54
C HIS D 18 14.02 23.52 16.75
N THR D 19 13.81 23.92 18.01
CA THR D 19 13.32 25.27 18.27
C THR D 19 14.25 26.32 17.65
N ARG D 20 15.55 26.17 17.87
CA ARG D 20 16.52 27.07 17.24
C ARG D 20 16.46 26.97 15.72
N MET D 21 16.43 25.74 15.19
CA MET D 21 16.36 25.58 13.75
C MET D 21 15.11 26.22 13.17
N ARG D 22 14.01 26.22 13.92
CA ARG D 22 12.81 26.91 13.45
C ARG D 22 13.02 28.42 13.43
N GLY D 23 13.69 28.95 14.45
CA GLY D 23 14.01 30.37 14.44
C GLY D 23 14.95 30.74 13.30
N VAL D 24 15.91 29.87 13.00
CA VAL D 24 16.81 30.12 11.88
C VAL D 24 16.05 30.03 10.56
N ALA D 25 15.14 29.07 10.45
CA ALA D 25 14.34 28.94 9.23
C ALA D 25 13.51 30.18 8.99
N GLN D 26 12.92 30.75 10.04
CA GLN D 26 12.19 32.00 9.88
C GLN D 26 13.09 33.08 9.28
N ARG D 27 14.32 33.19 9.78
CA ARG D 27 15.26 34.15 9.22
C ARG D 27 15.57 33.82 7.76
N ILE D 28 15.77 32.54 7.45
CA ILE D 28 16.07 32.15 6.07
C ILE D 28 14.89 32.43 5.16
N ALA D 29 13.67 32.22 5.65
CA ALA D 29 12.50 32.52 4.84
C ALA D 29 12.39 34.01 4.56
N ASP D 30 12.68 34.84 5.56
CA ASP D 30 12.66 36.29 5.35
C ASP D 30 13.85 36.74 4.51
N ASP D 31 15.02 36.16 4.74
CA ASP D 31 16.22 36.59 4.02
C ASP D 31 16.09 36.35 2.53
N TYR D 32 15.58 35.18 2.14
CA TYR D 32 15.36 34.85 0.74
C TYR D 32 13.96 35.19 0.27
N SER D 33 13.22 36.00 1.03
CA SER D 33 11.83 36.29 0.71
C SER D 33 11.67 36.80 -0.71
N ASN D 34 12.53 37.73 -1.13
CA ASN D 34 12.44 38.33 -2.45
C ASN D 34 13.26 37.59 -3.50
N CYS D 35 13.53 36.30 -3.29
CA CYS D 35 14.34 35.52 -4.21
C CYS D 35 13.52 34.65 -5.16
N ASN D 36 12.20 34.56 -4.96
CA ASN D 36 11.33 33.81 -5.86
C ASN D 36 11.70 32.32 -5.86
N LEU D 37 11.85 31.76 -4.67
CA LEU D 37 12.19 30.35 -4.54
C LEU D 37 10.96 29.50 -4.83
N LYS D 38 11.09 28.58 -5.79
CA LYS D 38 10.04 27.65 -6.16
C LYS D 38 10.65 26.29 -6.39
N PRO D 39 9.92 25.22 -6.08
CA PRO D 39 10.42 23.88 -6.41
C PRO D 39 10.66 23.75 -7.91
N LEU D 40 11.65 22.93 -8.26
CA LEU D 40 11.97 22.63 -9.65
C LEU D 40 12.74 23.76 -10.32
N GLU D 41 12.11 24.91 -10.53
CA GLU D 41 12.72 25.96 -11.34
C GLU D 41 13.65 26.87 -10.55
N ASN D 42 13.41 27.05 -9.26
CA ASN D 42 14.26 27.97 -8.48
C ASN D 42 14.38 27.52 -7.03
N PRO D 43 14.90 26.32 -6.77
CA PRO D 43 15.04 25.88 -5.38
C PRO D 43 16.37 26.33 -4.79
N LEU D 44 16.35 26.51 -3.46
CA LEU D 44 17.57 26.80 -2.73
C LEU D 44 18.45 25.56 -2.72
N VAL D 45 19.62 25.65 -3.34
CA VAL D 45 20.52 24.51 -3.46
C VAL D 45 21.22 24.29 -2.12
N ILE D 46 20.93 23.17 -1.48
CA ILE D 46 21.49 22.82 -0.17
C ILE D 46 22.68 21.89 -0.39
N VAL D 47 23.86 22.33 0.02
CA VAL D 47 25.08 21.56 -0.11
C VAL D 47 25.44 21.01 1.27
N SER D 48 25.24 19.71 1.46
CA SER D 48 25.47 19.08 2.75
C SER D 48 26.91 18.56 2.82
N VAL D 49 27.69 19.10 3.75
CA VAL D 49 29.10 18.77 3.89
C VAL D 49 29.28 17.91 5.13
N LEU D 50 30.17 16.92 5.03
CA LEU D 50 30.51 16.04 6.14
C LEU D 50 29.48 14.94 6.32
N LYS D 51 29.96 13.71 6.53
CA LYS D 51 29.07 12.55 6.62
C LYS D 51 27.97 12.76 7.65
N GLY D 52 28.36 13.04 8.89
CA GLY D 52 27.40 13.11 9.97
C GLY D 52 26.31 14.16 9.77
N SER D 53 26.51 15.08 8.83
CA SER D 53 25.54 16.15 8.62
C SER D 53 24.23 15.66 8.03
N PHE D 54 24.08 14.37 7.73
CA PHE D 54 22.83 13.89 7.15
C PHE D 54 21.67 14.04 8.14
N VAL D 55 21.95 13.97 9.44
CA VAL D 55 20.91 14.16 10.44
C VAL D 55 20.41 15.61 10.40
N PHE D 56 21.32 16.56 10.64
CA PHE D 56 20.94 17.97 10.60
C PHE D 56 20.26 18.34 9.30
N THR D 57 20.77 17.82 8.17
CA THR D 57 20.23 18.20 6.87
C THR D 57 18.81 17.67 6.68
N ALA D 58 18.53 16.46 7.18
CA ALA D 58 17.20 15.90 7.03
C ALA D 58 16.17 16.72 7.77
N ASP D 59 16.52 17.19 8.98
CA ASP D 59 15.58 17.99 9.78
C ASP D 59 15.48 19.42 9.26
N MET D 60 16.60 20.05 8.94
CA MET D 60 16.57 21.45 8.52
C MET D 60 15.83 21.61 7.20
N VAL D 61 16.01 20.67 6.27
CA VAL D 61 15.32 20.76 4.98
C VAL D 61 13.82 20.66 5.18
N ARG D 62 13.38 19.81 6.10
CA ARG D 62 11.95 19.67 6.37
C ARG D 62 11.43 20.86 7.17
N ILE D 63 12.26 21.42 8.05
CA ILE D 63 11.85 22.64 8.74
C ILE D 63 11.79 23.81 7.77
N LEU D 64 12.77 23.90 6.86
CA LEU D 64 12.72 24.92 5.83
C LEU D 64 11.46 24.78 4.99
N GLY D 65 10.99 23.55 4.77
CA GLY D 65 9.75 23.35 4.04
C GLY D 65 8.55 23.92 4.76
N ASP D 66 8.51 23.74 6.09
CA ASP D 66 7.42 24.32 6.88
C ASP D 66 7.36 25.83 6.74
N PHE D 67 8.47 26.48 6.40
CA PHE D 67 8.52 27.93 6.28
C PHE D 67 8.51 28.40 4.82
N GLY D 68 8.08 27.53 3.91
CA GLY D 68 7.92 27.92 2.52
C GLY D 68 9.21 28.10 1.76
N VAL D 69 10.25 27.34 2.10
CA VAL D 69 11.54 27.44 1.46
C VAL D 69 11.86 26.08 0.81
N PRO D 70 11.58 25.93 -0.48
CA PRO D 70 11.87 24.66 -1.15
C PRO D 70 13.36 24.50 -1.41
N THR D 71 13.79 23.24 -1.49
CA THR D 71 15.22 22.95 -1.59
C THR D 71 15.46 21.71 -2.43
N ARG D 72 16.65 21.65 -3.02
CA ARG D 72 17.22 20.43 -3.58
C ARG D 72 18.58 20.21 -2.92
N VAL D 73 18.91 18.95 -2.65
CA VAL D 73 20.04 18.62 -1.77
C VAL D 73 21.17 18.03 -2.60
N GLU D 74 22.40 18.36 -2.20
CA GLU D 74 23.62 17.80 -2.77
C GLU D 74 24.59 17.50 -1.65
N PHE D 75 25.23 16.34 -1.71
CA PHE D 75 26.14 15.89 -0.66
C PHE D 75 27.58 15.90 -1.15
N LEU D 76 28.51 16.16 -0.23
CA LEU D 76 29.92 16.24 -0.57
C LEU D 76 30.80 15.32 0.27
N ARG D 77 30.33 14.88 1.43
CA ARG D 77 31.05 13.97 2.33
C ARG D 77 32.18 13.21 1.66
N CYS D 99 25.16 19.64 -9.33
CA CYS D 99 25.95 19.67 -10.57
C CYS D 99 26.03 21.10 -11.12
N ASP D 100 24.88 21.71 -11.35
CA ASP D 100 24.79 23.06 -11.89
C ASP D 100 24.29 23.99 -10.79
N ILE D 101 25.09 25.02 -10.48
CA ILE D 101 24.72 26.03 -9.50
C ILE D 101 24.83 27.45 -10.03
N ARG D 102 25.21 27.61 -11.30
CA ARG D 102 25.22 28.91 -11.94
C ARG D 102 23.93 29.67 -11.69
N GLY D 103 24.04 30.87 -11.12
CA GLY D 103 22.89 31.72 -10.90
C GLY D 103 21.85 31.18 -9.94
N LYS D 104 22.13 30.08 -9.24
CA LYS D 104 21.22 29.55 -8.24
C LYS D 104 21.68 29.96 -6.84
N HIS D 105 20.73 30.00 -5.91
CA HIS D 105 21.03 30.38 -4.53
C HIS D 105 21.45 29.15 -3.75
N VAL D 106 22.66 29.18 -3.22
CA VAL D 106 23.29 28.03 -2.56
C VAL D 106 23.33 28.28 -1.07
N LEU D 107 23.05 27.23 -0.29
CA LEU D 107 23.22 27.25 1.16
C LEU D 107 24.02 26.02 1.55
N VAL D 108 25.23 26.24 2.04
CA VAL D 108 26.06 25.13 2.51
C VAL D 108 25.62 24.76 3.93
N LEU D 109 25.54 23.46 4.20
CA LEU D 109 25.09 22.96 5.49
C LEU D 109 26.13 22.02 6.07
N GLU D 110 26.48 22.22 7.34
CA GLU D 110 27.47 21.43 8.04
C GLU D 110 27.03 21.23 9.47
N ASP D 111 27.24 20.03 10.01
CA ASP D 111 26.78 19.74 11.36
C ASP D 111 27.63 20.45 12.40
N ILE D 112 28.93 20.57 12.17
CA ILE D 112 29.83 21.26 13.09
C ILE D 112 30.82 22.10 12.31
N LEU D 113 31.04 23.33 12.77
CA LEU D 113 32.04 24.24 12.23
C LEU D 113 33.07 24.52 13.32
N ASP D 114 34.31 24.09 13.10
CA ASP D 114 35.35 24.27 14.10
C ASP D 114 36.51 25.08 13.55
N THR D 115 37.49 24.41 12.94
CA THR D 115 38.62 25.12 12.36
C THR D 115 38.20 25.98 11.18
N ALA D 116 37.13 25.59 10.48
CA ALA D 116 36.59 26.28 9.32
C ALA D 116 37.39 26.00 8.06
N LEU D 117 38.35 25.07 8.11
CA LEU D 117 39.15 24.77 6.92
C LEU D 117 38.33 24.04 5.86
N THR D 118 37.31 23.27 6.27
CA THR D 118 36.49 22.58 5.29
C THR D 118 35.49 23.54 4.63
N LEU D 119 34.75 24.30 5.44
CA LEU D 119 33.81 25.27 4.89
C LEU D 119 34.53 26.28 4.00
N ARG D 120 35.66 26.81 4.46
CA ARG D 120 36.44 27.74 3.64
C ARG D 120 36.76 27.12 2.29
N GLU D 121 37.20 25.86 2.29
CA GLU D 121 37.54 25.20 1.04
C GLU D 121 36.30 25.00 0.17
N VAL D 122 35.18 24.61 0.78
CA VAL D 122 33.98 24.30 0.00
C VAL D 122 33.35 25.57 -0.57
N VAL D 123 33.26 26.62 0.25
CA VAL D 123 32.64 27.87 -0.21
C VAL D 123 33.39 28.43 -1.41
N ASP D 124 34.70 28.63 -1.26
CA ASP D 124 35.49 29.17 -2.36
C ASP D 124 35.41 28.27 -3.59
N SER D 125 35.49 26.95 -3.39
CA SER D 125 35.33 26.03 -4.51
C SER D 125 33.99 26.24 -5.19
N LEU D 126 32.95 26.60 -4.42
CA LEU D 126 31.65 26.84 -5.02
C LEU D 126 31.60 28.19 -5.71
N LYS D 127 32.25 29.20 -5.15
CA LYS D 127 32.19 30.55 -5.72
C LYS D 127 32.69 30.58 -7.15
N LYS D 128 33.67 29.73 -7.50
CA LYS D 128 34.21 29.74 -8.86
C LYS D 128 33.20 29.23 -9.88
N SER D 129 32.08 28.67 -9.45
CA SER D 129 30.96 28.38 -10.34
C SER D 129 30.02 29.57 -10.50
N GLU D 130 30.22 30.63 -9.71
CA GLU D 130 29.44 31.86 -9.78
C GLU D 130 27.96 31.57 -9.57
N PRO D 131 27.53 31.28 -8.34
CA PRO D 131 26.10 31.14 -8.06
C PRO D 131 25.47 32.50 -7.77
N ALA D 132 24.13 32.50 -7.74
CA ALA D 132 23.41 33.74 -7.44
C ALA D 132 23.82 34.31 -6.09
N SER D 133 24.26 33.44 -5.18
CA SER D 133 24.69 33.85 -3.85
C SER D 133 25.01 32.60 -3.05
N ILE D 134 25.81 32.73 -2.00
CA ILE D 134 26.21 31.59 -1.19
C ILE D 134 26.28 32.01 0.27
N LYS D 135 25.72 31.17 1.14
CA LYS D 135 25.80 31.36 2.58
C LYS D 135 25.97 29.98 3.22
N THR D 136 26.17 29.97 4.53
CA THR D 136 26.38 28.71 5.24
C THR D 136 25.51 28.66 6.48
N LEU D 137 25.08 27.44 6.81
CA LEU D 137 24.30 27.19 8.02
C LEU D 137 24.90 25.98 8.72
N VAL D 138 25.30 26.15 9.97
CA VAL D 138 25.91 25.10 10.76
C VAL D 138 25.06 24.86 12.00
N ALA D 139 24.96 23.60 12.41
CA ALA D 139 24.24 23.27 13.64
C ALA D 139 25.07 23.65 14.87
N ILE D 140 26.33 23.24 14.89
CA ILE D 140 27.23 23.48 16.01
C ILE D 140 28.38 24.32 15.49
N ASP D 141 28.48 25.56 15.97
CA ASP D 141 29.62 26.41 15.69
C ASP D 141 30.54 26.42 16.91
N LYS D 142 31.79 26.02 16.70
CA LYS D 142 32.81 26.16 17.73
C LYS D 142 33.60 27.42 17.43
N PRO D 143 33.12 28.59 17.86
CA PRO D 143 33.79 29.84 17.47
C PRO D 143 35.24 29.91 17.90
N GLY D 144 35.61 29.19 18.96
CA GLY D 144 36.98 29.22 19.43
C GLY D 144 37.93 28.26 18.76
N GLY D 145 37.47 27.47 17.80
CA GLY D 145 38.36 26.51 17.16
C GLY D 145 38.95 26.95 15.83
N ARG D 146 38.71 28.19 15.42
CA ARG D 146 39.12 28.63 14.09
C ARG D 146 40.62 28.53 13.89
N LYS D 147 41.01 27.98 12.75
CA LYS D 147 42.36 28.12 12.22
C LYS D 147 42.45 29.20 11.15
N ILE D 148 41.31 29.69 10.68
CA ILE D 148 41.24 30.86 9.80
C ILE D 148 39.94 31.60 10.14
N PRO D 149 39.84 32.90 9.88
CA PRO D 149 38.60 33.61 10.15
C PRO D 149 37.46 33.04 9.32
N PHE D 150 36.31 32.85 9.94
CA PHE D 150 35.12 32.40 9.23
C PHE D 150 33.89 32.63 10.09
N THR D 151 32.94 33.41 9.57
CA THR D 151 31.65 33.65 10.21
C THR D 151 30.57 32.96 9.41
N ALA D 152 29.72 32.19 10.10
CA ALA D 152 28.62 31.50 9.45
C ALA D 152 27.39 32.40 9.46
N GLU D 153 26.69 32.42 8.32
CA GLU D 153 25.50 33.26 8.22
C GLU D 153 24.43 32.84 9.21
N TYR D 154 24.31 31.55 9.48
CA TYR D 154 23.29 31.02 10.39
C TYR D 154 23.89 29.94 11.28
N VAL D 155 23.67 30.07 12.59
CA VAL D 155 24.22 29.15 13.58
C VAL D 155 23.09 28.74 14.51
N VAL D 156 22.91 27.43 14.68
CA VAL D 156 21.88 26.95 15.59
C VAL D 156 22.34 27.04 17.03
N ALA D 157 23.55 26.56 17.32
CA ALA D 157 24.10 26.60 18.66
C ALA D 157 25.61 26.66 18.61
N ASP D 158 26.19 27.43 19.52
CA ASP D 158 27.64 27.55 19.68
CA ASP D 158 27.64 27.53 19.67
C ASP D 158 28.09 26.71 20.86
N VAL D 159 29.22 26.02 20.70
CA VAL D 159 29.75 25.14 21.74
C VAL D 159 31.18 25.55 22.07
N PRO D 160 31.58 25.57 23.34
CA PRO D 160 32.97 25.90 23.68
C PRO D 160 33.93 24.78 23.33
N ASN D 161 35.15 24.86 23.86
CA ASN D 161 36.20 23.88 23.55
C ASN D 161 35.92 22.59 24.31
N VAL D 162 35.00 21.80 23.76
CA VAL D 162 34.62 20.52 24.33
C VAL D 162 34.25 19.57 23.19
N PHE D 163 34.48 18.28 23.41
CA PHE D 163 34.17 17.25 22.42
C PHE D 163 32.77 16.69 22.68
N VAL D 164 31.91 16.77 21.68
CA VAL D 164 30.51 16.37 21.81
C VAL D 164 30.20 15.34 20.73
N VAL D 165 29.13 14.58 20.98
CA VAL D 165 28.59 13.61 20.02
C VAL D 165 27.08 13.72 20.05
N GLY D 166 26.44 13.09 19.07
CA GLY D 166 25.00 13.15 18.94
C GLY D 166 24.55 14.08 17.84
N TYR D 167 23.28 13.91 17.44
CA TYR D 167 22.69 14.68 16.36
C TYR D 167 23.54 14.60 15.09
N GLY D 168 24.14 13.44 14.87
CA GLY D 168 24.95 13.17 13.71
C GLY D 168 26.45 13.22 13.96
N LEU D 169 26.88 13.97 14.97
CA LEU D 169 28.29 13.99 15.32
C LEU D 169 28.68 12.68 15.97
N ASP D 170 29.84 12.16 15.59
CA ASP D 170 30.25 10.82 15.98
C ASP D 170 31.48 10.85 16.88
N TYR D 171 31.64 9.76 17.62
CA TYR D 171 32.91 9.39 18.24
C TYR D 171 33.27 8.03 17.66
N ASP D 172 34.21 8.02 16.71
CA ASP D 172 34.60 6.79 16.01
C ASP D 172 33.41 6.16 15.30
N GLN D 173 32.64 6.99 14.60
CA GLN D 173 31.53 6.52 13.78
C GLN D 173 30.32 6.13 14.63
N SER D 174 30.48 6.09 15.96
CA SER D 174 29.40 5.73 16.85
C SER D 174 28.75 6.98 17.44
N TYR D 175 27.56 6.79 17.98
CA TYR D 175 26.82 7.81 18.73
C TYR D 175 26.24 8.90 17.85
N ARG D 176 26.28 8.74 16.53
CA ARG D 176 25.63 9.71 15.65
C ARG D 176 24.12 9.71 15.86
N GLU D 177 23.55 8.58 16.26
CA GLU D 177 22.11 8.45 16.44
C GLU D 177 21.61 8.97 17.78
N VAL D 178 22.51 9.40 18.66
CA VAL D 178 22.07 10.02 19.91
C VAL D 178 21.25 11.25 19.56
N ARG D 179 20.01 11.30 20.05
CA ARG D 179 19.09 12.36 19.65
C ARG D 179 19.57 13.74 20.07
N ASP D 180 20.47 13.83 21.05
CA ASP D 180 20.90 15.11 21.59
C ASP D 180 22.41 15.29 21.43
N VAL D 181 22.83 16.55 21.39
CA VAL D 181 24.25 16.86 21.50
C VAL D 181 24.66 16.68 22.96
N VAL D 182 25.60 15.76 23.21
CA VAL D 182 25.97 15.38 24.57
C VAL D 182 27.49 15.29 24.67
N ILE D 183 27.96 15.12 25.91
CA ILE D 183 29.37 14.92 26.21
C ILE D 183 29.52 13.54 26.83
N LEU D 184 30.31 12.68 26.19
CA LEU D 184 30.51 11.34 26.69
C LEU D 184 31.33 11.38 27.97
N LYS D 185 31.00 10.49 28.92
CA LYS D 185 31.78 10.38 30.13
C LYS D 185 33.18 9.86 29.82
N PRO D 186 34.15 10.15 30.68
CA PRO D 186 35.51 9.62 30.46
C PRO D 186 35.55 8.10 30.37
N SER D 187 34.62 7.42 31.03
CA SER D 187 34.59 5.96 30.97
C SER D 187 34.35 5.47 29.55
N VAL D 188 33.60 6.23 28.75
CA VAL D 188 33.34 5.83 27.37
C VAL D 188 34.63 5.79 26.56
N TYR D 189 35.64 6.57 26.96
CA TYR D 189 36.91 6.59 26.25
C TYR D 189 37.89 5.54 26.77
N GLU D 190 38.07 5.48 28.09
CA GLU D 190 38.99 4.51 28.66
C GLU D 190 38.58 3.08 28.31
N THR D 191 37.29 2.77 28.42
CA THR D 191 36.82 1.43 28.10
C THR D 191 37.05 1.10 26.63
N TRP D 192 36.83 2.07 25.74
CA TRP D 192 37.08 1.85 24.32
C TRP D 192 38.58 1.76 24.05
N GLY D 193 39.36 2.71 24.57
CA GLY D 193 40.80 2.66 24.41
C GLY D 193 41.40 1.37 24.93
N LYS D 194 40.83 0.81 25.99
CA LYS D 194 41.33 -0.46 26.51
C LYS D 194 40.96 -1.62 25.58
N GLU D 195 39.73 -1.64 25.07
CA GLU D 195 39.34 -2.68 24.14
C GLU D 195 40.17 -2.63 22.87
N LEU D 196 40.56 -1.43 22.43
CA LEU D 196 41.38 -1.32 21.23
C LEU D 196 42.75 -1.95 21.44
N GLU D 197 43.33 -1.79 22.62
CA GLU D 197 44.61 -2.43 22.91
C GLU D 197 44.45 -3.95 23.00
N ARG D 198 43.45 -4.41 23.75
CA ARG D 198 43.19 -5.84 23.83
C ARG D 198 43.05 -6.44 22.44
N ARG D 199 42.46 -5.68 21.51
CA ARG D 199 42.37 -6.13 20.12
C ARG D 199 43.71 -6.05 19.41
N LYS D 200 44.62 -5.18 19.88
CA LYS D 200 45.92 -5.03 19.24
C LYS D 200 46.77 -6.29 19.33
N ALA D 201 46.37 -7.27 20.13
CA ALA D 201 47.14 -8.49 20.29
C ALA D 201 47.29 -9.20 18.95
C10 JEI E . -32.91 -24.35 -10.36
C15 JEI E . -31.36 -25.77 -13.36
C22 JEI E . -33.87 -24.94 -9.77
C24 JEI E . -33.41 -23.60 -7.58
C26 JEI E . -31.51 -22.40 -7.04
C05 JEI E . -36.75 -19.72 -10.29
C06 JEI E . -35.40 -20.46 -10.28
C07 JEI E . -35.47 -21.62 -9.29
C09 JEI E . -33.44 -22.83 -10.50
C12 JEI E . -33.39 -25.27 -12.75
C14 JEI E . -31.33 -25.25 -12.08
C16 JEI E . -30.05 -26.19 -14.01
C18 JEI E . -28.79 -25.51 -11.98
C23 JEI E . -34.41 -23.81 -8.69
C27 JEI E . -30.86 -21.02 -7.14
N08 JEI E . -34.52 -22.71 -9.43
N11 JEI E . -32.57 -24.95 -11.73
N13 JEI E . -32.64 -25.78 -13.74
N17 JEI E . -28.81 -26.05 -13.31
N19 JEI E . -27.55 -25.36 -11.24
N20 JEI E . -30.04 -25.10 -11.35
O01 JEI E . -38.24 -20.15 -12.61
O03 JEI E . -35.93 -19.31 -12.88
O04 JEI E . -37.75 -17.84 -12.04
O21 JEI E . -30.06 -26.65 -15.11
O25 JEI E . -32.73 -22.39 -7.72
O29 JEI E . -28.44 -20.17 -6.09
O30 JEI E . -30.41 -19.88 -4.64
O31 JEI E . -29.51 -22.12 -5.02
O32 JEI E . -36.27 -21.62 -8.41
P02 JEI E . -37.18 -19.24 -12.04
P28 JEI E . -29.76 -20.78 -5.66
H101 JEI E . -32.01 -24.40 -9.76
H222 JEI E . -33.51 -25.83 -9.25
H221 JEI E . -34.65 -25.21 -10.47
H241 JEI E . -33.93 -23.61 -6.63
H242 JEI E . -32.69 -24.41 -7.60
H262 JEI E . -30.85 -23.13 -7.49
H261 JEI E . -31.68 -22.64 -6.00
H051 JEI E . -37.52 -20.37 -9.89
H052 JEI E . -36.67 -18.82 -9.68
H061 JEI E . -34.62 -19.76 -9.98
H062 JEI E . -35.20 -20.83 -11.27
H091 JEI E . -32.64 -22.14 -10.31
H092 JEI E . -33.86 -22.67 -11.49
H121 JEI E . -34.46 -25.14 -12.76
H231 JEI E . -35.36 -24.09 -8.27
H271 JEI E . -31.62 -20.25 -7.15
H272 JEI E . -30.27 -20.96 -8.05
H171 JEI E . -27.95 -26.34 -13.75
H192 JEI E . -26.68 -25.64 -11.65
H191 JEI E . -27.57 -24.97 -10.32
C10 JEI F . -15.67 0.95 4.62
C15 JEI F . -12.87 2.40 2.78
C22 JEI F . -16.21 1.65 5.53
C24 JEI F . -18.46 0.30 5.65
C26 JEI F . -19.45 -0.93 3.93
C05 JEI F . -14.96 -2.91 8.93
C06 JEI F . -15.53 -2.71 7.54
C07 JEI F . -16.49 -1.51 7.55
C09 JEI F . -15.46 -0.50 5.31
C12 JEI F . -13.22 1.78 4.83
C14 JEI F . -14.15 1.92 2.87
C16 JEI F . -12.36 2.92 1.43
C18 JEI F . -14.55 2.38 0.39
C23 JEI F . -17.16 0.58 6.39
C27 JEI F . -19.12 -2.05 2.93
N08 JEI F . -16.41 -0.52 6.50
N11 JEI F . -14.34 1.54 4.13
N13 JEI F . -12.31 2.31 3.99
N17 JEI F . -13.21 2.89 0.28
N19 JEI F . -15.45 2.34 -0.75
N20 JEI F . -15.04 1.89 1.68
O01 JEI F . -12.26 -3.52 9.12
O03 JEI F . -13.55 -4.77 7.43
O04 JEI F . -13.84 -5.24 9.86
O21 JEI F . -11.25 3.34 1.34
O25 JEI F . -18.27 -0.61 4.62
O29 JEI F . -20.32 -3.55 0.96
O30 JEI F . -21.56 -3.35 3.07
O31 JEI F . -21.41 -1.42 1.55
O32 JEI F . -17.28 -1.41 8.43
P02 JEI F . -13.59 -4.18 8.83
P28 JEI F . -20.68 -2.61 2.09
H101 JEI F . -16.34 0.86 3.78
H222 JEI F . -16.83 2.43 5.09
H221 JEI F . -15.45 2.08 6.18
H241 JEI F . -19.18 -0.09 6.36
H242 JEI F . -18.82 1.24 5.24
H262 JEI F . -19.80 -0.06 3.39
H261 JEI F . -20.21 -1.27 4.61
H051 JEI F . -14.56 -1.98 9.30
H052 JEI F . -15.73 -3.28 9.59
H061 JEI F . -16.07 -3.59 7.22
H062 JEI F . -14.73 -2.51 6.83
H091 JEI F . -15.71 -1.28 4.61
H092 JEI F . -14.43 -0.59 5.65
H121 JEI F . -13.07 1.57 5.88
H231 JEI F . -17.38 0.97 7.37
H271 JEI F . -18.67 -2.87 3.45
H272 JEI F . -18.43 -1.67 2.18
H171 JEI F . -12.87 3.23 -0.60
H192 JEI F . -15.14 2.67 -1.65
H191 JEI F . -16.37 1.98 -0.65
C10 JEI G . 12.75 5.71 -8.79
C15 JEI G . 9.25 5.90 -7.73
C22 JEI G . 13.24 5.17 -9.85
C24 JEI G . 15.40 6.51 -9.19
C26 JEI G . 16.76 7.73 -7.80
C05 JEI G . 16.26 1.43 -6.37
C06 JEI G . 15.17 2.47 -6.71
C07 JEI G . 15.50 3.17 -8.03
C09 JEI G . 13.67 5.10 -7.62
C12 JEI G . 10.47 4.44 -8.80
C14 JEI G . 10.53 6.38 -7.83
C16 JEI G . 8.18 6.74 -7.01
C18 JEI G . 9.86 8.53 -6.57
C23 JEI G . 14.87 5.12 -9.48
C27 JEI G . 16.43 8.11 -6.36
N08 JEI G . 14.78 4.39 -8.38
N11 JEI G . 11.26 5.48 -8.48
N13 JEI G . 9.25 4.71 -8.33
N17 JEI G . 8.51 8.02 -6.46
N19 JEI G . 10.24 9.81 -6.03
N20 JEI G . 10.88 7.72 -7.26
O01 JEI G . 16.02 -1.23 -5.65
O03 JEI G . 16.33 -0.79 -8.04
O04 JEI G . 14.17 -0.28 -6.94
O21 JEI G . 7.06 6.32 -6.92
O25 JEI G . 16.22 6.46 -8.07
O29 JEI G . 17.52 9.49 -4.24
O30 JEI G . 19.12 8.49 -5.84
O31 JEI G . 17.84 10.49 -6.48
O32 JEI G . 16.32 2.74 -8.76
P02 JEI G . 15.66 -0.29 -6.77
P28 JEI G . 17.79 9.20 -5.71
H101 JEI G . 12.83 6.78 -8.92
H222 JEI G . 13.05 5.78 -10.73
H221 JEI G . 12.85 4.16 -10.00
H241 JEI G . 15.96 6.86 -10.05
H242 JEI G . 14.57 7.18 -9.00
H262 JEI G . 16.32 8.45 -8.48
H261 JEI G . 17.83 7.69 -7.93
H051 JEI G . 17.14 1.65 -6.95
H052 JEI G . 16.49 1.49 -5.31
H061 JEI G . 15.13 3.20 -5.92
H062 JEI G . 14.22 1.97 -6.79
H091 JEI G . 14.08 5.89 -6.99
H092 JEI G . 13.11 4.40 -7.01
H121 JEI G . 10.78 3.55 -9.33
H231 JEI G . 15.50 4.70 -10.25
H271 JEI G . 16.35 7.21 -5.76
H272 JEI G . 15.49 8.65 -6.33
H171 JEI G . 7.81 8.56 -6.00
H192 JEI G . 9.56 10.39 -5.55
H191 JEI G . 11.18 10.15 -6.12
C10 JEI H . 35.53 17.26 14.13
C15 JEI H . 34.14 18.15 17.39
C22 JEI H . 36.77 17.20 13.81
C24 JEI H . 35.96 15.63 11.89
C26 JEI H . 34.71 14.54 10.28
C05 JEI H . 35.29 20.80 9.23
C06 JEI H . 35.13 20.07 10.56
C07 JEI H . 36.13 18.92 10.70
C09 JEI H . 34.87 18.05 12.88
C12 JEI H . 35.61 19.04 16.04
C14 JEI H . 34.26 17.35 16.28
C16 JEI H . 33.17 17.74 18.50
C18 JEI H . 32.52 15.72 17.19
C23 JEI H . 36.68 16.94 12.17
C27 JEI H . 33.32 14.23 10.85
N08 JEI H . 35.94 17.99 11.80
N11 JEI H . 35.16 17.92 15.47
N13 JEI H . 34.98 19.18 17.22
N17 JEI H . 32.39 16.54 18.38
N19 JEI H . 31.74 14.50 17.04
N20 JEI H . 33.46 16.11 16.14
O01 JEI H . 34.71 23.47 8.80
O03 JEI H . 35.58 22.90 11.01
O04 JEI H . 37.08 22.92 9.05
O21 JEI H . 33.08 18.42 19.46
O25 JEI H . 35.14 15.78 10.78
O29 JEI H . 30.87 13.57 9.75
O30 JEI H . 32.82 13.56 8.22
O31 JEI H . 32.52 11.75 9.88
O32 JEI H . 37.02 18.78 9.93
P02 JEI H . 35.69 22.59 9.53
P28 JEI H . 32.35 13.23 9.62
H101 JEI H . 35.18 16.24 14.24
H222 JEI H . 37.26 16.37 14.30
H221 JEI H . 37.28 18.14 14.02
H241 JEI H . 36.70 14.86 11.69
H242 JEI H . 35.36 15.36 12.75
H262 JEI H . 35.41 13.76 10.58
H261 JEI H . 34.66 14.58 9.19
H051 JEI H . 36.10 20.33 8.66
H052 JEI H . 34.37 20.72 8.66
H061 JEI H . 34.12 19.67 10.63
H062 JEI H . 35.28 20.78 11.37
H091 JEI H . 33.97 17.54 12.54
H092 JEI H . 34.65 19.07 13.16
H121 JEI H . 36.35 19.72 15.63
H231 JEI H . 37.64 16.91 11.66
H271 JEI H . 32.81 15.16 11.05
H272 JEI H . 33.43 13.66 11.76
H171 JEI H . 31.76 16.28 19.10
H192 JEI H . 31.10 14.21 17.75
H191 JEI H . 31.86 13.94 16.21
#